data_1EOI
#
_entry.id   1EOI
#
_cell.length_a   86.600
_cell.length_b   86.600
_cell.length_c   205.300
_cell.angle_alpha   90.00
_cell.angle_beta   90.00
_cell.angle_gamma   120.00
#
_symmetry.space_group_name_H-M   'P 31 2 1'
#
loop_
_entity.id
_entity.type
_entity.pdbx_description
1 polymer 'ACID PHOSPHATASE'
2 non-polymer 'MOLYBDATE ION'
3 water water
#
_entity_poly.entity_id   1
_entity_poly.type   'polypeptide(L)'
_entity_poly.pdbx_seq_one_letter_code
;LALVATGNDTTTKPDLYYLKNSEAINSLALLPPPPAVGSIAFLNDQAMYEQGRLLRNTERGKLAAEDANLSSGGVANAFS
GAFGSPITEKDAPALHKLLTNMIEDAGDLATRSAKDHYMRIRPFAFYGVSTCNTTEQDKLSKNGSYPSGHTSIGWATALV
LAEINPQRQNEILKRGYELGQSRVICGYHWQSDVDAARVVGSAVVATLHTNPAFQQQLQKAKAEFAQHQKK
;
_entity_poly.pdbx_strand_id   A,B,C
#
# COMPACT_ATOMS: atom_id res chain seq x y z
N GLY A 7 -20.91 -19.17 -23.44
CA GLY A 7 -21.30 -17.78 -23.85
C GLY A 7 -21.64 -17.64 -25.32
N ASN A 8 -21.66 -16.40 -25.81
CA ASN A 8 -21.97 -16.15 -27.20
C ASN A 8 -20.81 -16.36 -28.17
N ASP A 9 -21.12 -16.18 -29.44
CA ASP A 9 -20.14 -16.31 -30.49
C ASP A 9 -20.81 -15.93 -31.79
N THR A 10 -20.19 -16.28 -32.92
CA THR A 10 -20.74 -15.93 -34.23
C THR A 10 -22.08 -16.58 -34.56
N THR A 11 -22.47 -17.58 -33.77
CA THR A 11 -23.73 -18.25 -33.99
C THR A 11 -24.91 -17.53 -33.36
N THR A 12 -24.68 -16.90 -32.20
CA THR A 12 -25.76 -16.18 -31.52
C THR A 12 -25.77 -14.69 -31.86
N LYS A 13 -24.60 -14.09 -32.06
CA LYS A 13 -24.50 -12.67 -32.43
C LYS A 13 -23.35 -12.49 -33.42
N PRO A 14 -23.57 -12.86 -34.70
CA PRO A 14 -22.62 -12.80 -35.82
C PRO A 14 -22.35 -11.42 -36.37
N ASP A 15 -22.72 -10.42 -35.58
CA ASP A 15 -22.53 -9.05 -35.95
C ASP A 15 -21.32 -8.57 -35.16
N LEU A 16 -20.85 -9.44 -34.26
CA LEU A 16 -19.70 -9.10 -33.42
C LEU A 16 -18.73 -10.27 -33.25
N TYR A 17 -18.99 -11.35 -33.97
CA TYR A 17 -18.10 -12.49 -33.92
C TYR A 17 -17.99 -13.03 -35.33
N TYR A 18 -16.91 -13.75 -35.58
CA TYR A 18 -16.66 -14.36 -36.87
C TYR A 18 -16.45 -15.79 -36.48
N LEU A 19 -15.79 -15.94 -35.34
CA LEU A 19 -15.45 -17.24 -34.82
C LEU A 19 -16.52 -17.83 -33.93
N LYS A 20 -16.44 -19.13 -33.78
CA LYS A 20 -17.37 -19.88 -32.97
C LYS A 20 -16.62 -20.31 -31.72
N ASN A 21 -17.35 -20.49 -30.61
CA ASN A 21 -16.76 -20.91 -29.34
C ASN A 21 -15.76 -22.02 -29.59
N SER A 22 -15.99 -22.76 -30.67
CA SER A 22 -15.14 -23.87 -31.08
C SER A 22 -13.80 -23.42 -31.66
N GLU A 23 -13.82 -22.37 -32.47
CA GLU A 23 -12.62 -21.83 -33.10
C GLU A 23 -11.87 -20.79 -32.28
N ALA A 24 -12.01 -20.86 -30.95
CA ALA A 24 -11.37 -19.87 -30.11
C ALA A 24 -10.11 -20.36 -29.42
N ILE A 25 -9.31 -19.40 -29.01
CA ILE A 25 -8.04 -19.62 -28.31
C ILE A 25 -8.24 -20.08 -26.87
N ASN A 26 -7.35 -20.93 -26.38
CA ASN A 26 -7.43 -21.38 -25.00
C ASN A 26 -6.67 -20.38 -24.15
N SER A 27 -7.26 -19.23 -23.90
CA SER A 27 -6.62 -18.18 -23.10
C SER A 27 -6.09 -18.74 -21.82
N LEU A 28 -6.91 -19.58 -21.19
CA LEU A 28 -6.57 -20.19 -19.91
C LEU A 28 -5.39 -21.14 -19.97
N ALA A 29 -5.22 -21.79 -21.11
CA ALA A 29 -4.13 -22.74 -21.33
C ALA A 29 -2.81 -22.14 -21.86
N LEU A 30 -2.92 -21.05 -22.61
CA LEU A 30 -1.77 -20.37 -23.22
C LEU A 30 -1.02 -19.44 -22.27
N LEU A 31 -1.81 -18.61 -21.61
CA LEU A 31 -1.34 -17.61 -20.67
C LEU A 31 -0.87 -18.13 -19.32
N PRO A 32 0.13 -17.48 -18.72
CA PRO A 32 0.53 -18.00 -17.42
C PRO A 32 -0.51 -17.46 -16.42
N PRO A 33 -0.47 -17.93 -15.16
CA PRO A 33 -1.39 -17.46 -14.11
C PRO A 33 -1.09 -16.02 -13.74
N PRO A 34 -2.10 -15.24 -13.32
CA PRO A 34 -1.77 -13.85 -12.97
C PRO A 34 -0.82 -13.69 -11.79
N PRO A 35 -0.29 -12.48 -11.61
CA PRO A 35 0.60 -12.33 -10.46
C PRO A 35 -0.27 -12.50 -9.19
N ALA A 36 0.18 -13.33 -8.25
CA ALA A 36 -0.55 -13.57 -6.99
C ALA A 36 -0.27 -12.46 -5.95
N VAL A 37 -1.15 -12.28 -4.96
CA VAL A 37 -0.91 -11.26 -3.96
C VAL A 37 0.19 -11.85 -3.08
N GLY A 38 1.29 -11.10 -2.94
CA GLY A 38 2.41 -11.58 -2.15
C GLY A 38 3.67 -11.93 -2.94
N SER A 39 3.65 -11.64 -4.25
CA SER A 39 4.77 -11.88 -5.17
C SER A 39 5.31 -10.53 -5.57
N ILE A 40 6.57 -10.43 -5.96
CA ILE A 40 7.10 -9.13 -6.38
C ILE A 40 6.29 -8.65 -7.59
N ALA A 41 5.74 -9.60 -8.33
CA ALA A 41 4.98 -9.24 -9.51
C ALA A 41 3.82 -8.33 -9.14
N PHE A 42 2.89 -8.81 -8.31
CA PHE A 42 1.74 -7.99 -7.91
C PHE A 42 2.17 -6.64 -7.38
N LEU A 43 3.25 -6.65 -6.61
CA LEU A 43 3.82 -5.43 -6.05
C LEU A 43 4.04 -4.41 -7.14
N ASN A 44 4.39 -4.89 -8.31
CA ASN A 44 4.65 -4.02 -9.44
C ASN A 44 3.34 -3.56 -10.05
N ASP A 45 2.38 -4.48 -10.11
CA ASP A 45 1.05 -4.20 -10.62
C ASP A 45 0.50 -3.02 -9.83
N GLN A 46 0.75 -3.08 -8.52
CA GLN A 46 0.33 -2.05 -7.59
C GLN A 46 0.95 -0.69 -7.86
N ALA A 47 2.29 -0.61 -7.84
CA ALA A 47 2.94 0.68 -8.10
C ALA A 47 2.52 1.26 -9.43
N MET A 48 2.14 0.36 -10.33
CA MET A 48 1.67 0.71 -11.68
C MET A 48 0.35 1.44 -11.54
N TYR A 49 -0.59 0.80 -10.85
CA TYR A 49 -1.89 1.39 -10.55
C TYR A 49 -1.73 2.80 -9.97
N GLU A 50 -0.83 2.92 -8.99
CA GLU A 50 -0.56 4.20 -8.35
C GLU A 50 -0.16 5.20 -9.39
N GLN A 51 0.77 4.77 -10.24
CA GLN A 51 1.29 5.60 -11.30
C GLN A 51 0.19 6.00 -12.26
N GLY A 52 -0.66 5.05 -12.61
CA GLY A 52 -1.75 5.33 -13.51
C GLY A 52 -2.70 6.31 -12.87
N ARG A 53 -2.97 6.09 -11.58
CA ARG A 53 -3.88 6.94 -10.84
C ARG A 53 -3.47 8.39 -10.91
N LEU A 54 -2.25 8.69 -10.50
CA LEU A 54 -1.76 10.06 -10.51
C LEU A 54 -1.81 10.65 -11.92
N LEU A 55 -1.95 9.79 -12.91
CA LEU A 55 -1.98 10.28 -14.28
C LEU A 55 -3.36 10.70 -14.71
N ARG A 56 -4.37 10.07 -14.11
CA ARG A 56 -5.75 10.32 -14.45
C ARG A 56 -6.12 11.78 -14.72
N ASN A 57 -5.53 12.72 -13.98
CA ASN A 57 -5.86 14.14 -14.15
C ASN A 57 -4.96 14.92 -15.11
N THR A 58 -4.46 14.24 -16.13
CA THR A 58 -3.62 14.87 -17.14
C THR A 58 -4.18 14.46 -18.49
N GLU A 59 -3.66 15.03 -19.57
CA GLU A 59 -4.14 14.68 -20.90
C GLU A 59 -4.26 13.16 -21.05
N ARG A 60 -3.18 12.44 -20.72
CA ARG A 60 -3.24 11.00 -20.84
C ARG A 60 -4.48 10.50 -20.15
N GLY A 61 -4.68 10.98 -18.92
CA GLY A 61 -5.84 10.57 -18.16
C GLY A 61 -7.08 10.88 -18.96
N LYS A 62 -7.01 12.03 -19.64
CA LYS A 62 -8.10 12.48 -20.49
C LYS A 62 -8.33 11.42 -21.54
N LEU A 63 -7.26 11.03 -22.21
CA LEU A 63 -7.36 10.02 -23.25
C LEU A 63 -7.78 8.71 -22.63
N ALA A 64 -7.23 8.42 -21.46
CA ALA A 64 -7.54 7.17 -20.77
C ALA A 64 -9.04 7.16 -20.56
N ALA A 65 -9.57 8.34 -20.24
CA ALA A 65 -11.00 8.46 -20.02
C ALA A 65 -11.73 7.90 -21.23
N GLU A 66 -11.49 8.50 -22.39
CA GLU A 66 -12.13 8.08 -23.65
C GLU A 66 -11.86 6.67 -24.17
N ASP A 67 -10.67 6.13 -23.96
CA ASP A 67 -10.40 4.78 -24.46
C ASP A 67 -11.21 3.70 -23.76
N ALA A 68 -12.24 4.08 -23.03
CA ALA A 68 -13.04 3.09 -22.33
C ALA A 68 -14.29 2.68 -23.13
N ASN A 69 -14.75 3.57 -24.00
CA ASN A 69 -15.92 3.28 -24.79
C ASN A 69 -15.54 2.68 -26.11
N LEU A 70 -15.98 1.45 -26.36
CA LEU A 70 -15.64 0.78 -27.62
C LEU A 70 -16.74 -0.08 -28.21
N SER A 71 -17.30 -0.94 -27.37
CA SER A 71 -18.33 -1.86 -27.78
C SER A 71 -19.15 -1.45 -29.00
N SER A 72 -19.70 -0.23 -28.99
CA SER A 72 -20.51 0.26 -30.11
C SER A 72 -19.74 0.30 -31.43
N GLY A 73 -18.43 0.17 -31.32
CA GLY A 73 -17.59 0.22 -32.48
C GLY A 73 -16.81 1.49 -32.29
N GLY A 74 -16.69 1.92 -31.04
CA GLY A 74 -15.92 3.11 -30.73
C GLY A 74 -14.46 2.80 -30.92
N VAL A 75 -14.13 1.51 -30.98
CA VAL A 75 -12.74 1.14 -31.19
C VAL A 75 -12.35 1.62 -32.55
N ALA A 76 -13.29 1.56 -33.47
CA ALA A 76 -13.08 2.00 -34.85
C ALA A 76 -12.70 3.47 -34.80
N ASN A 77 -13.47 4.24 -34.04
CA ASN A 77 -13.22 5.66 -33.91
C ASN A 77 -11.99 5.99 -33.07
N ALA A 78 -11.49 5.02 -32.32
CA ALA A 78 -10.31 5.25 -31.50
C ALA A 78 -9.09 5.38 -32.41
N PHE A 79 -9.11 4.62 -33.50
CA PHE A 79 -8.04 4.55 -34.48
C PHE A 79 -8.13 5.55 -35.63
N SER A 80 -9.34 5.91 -36.04
CA SER A 80 -9.53 6.85 -37.14
C SER A 80 -8.44 7.92 -37.16
N GLY A 81 -8.03 8.37 -35.97
CA GLY A 81 -7.01 9.39 -35.91
C GLY A 81 -5.63 8.95 -36.38
N ALA A 82 -5.21 7.75 -35.99
CA ALA A 82 -3.90 7.21 -36.36
C ALA A 82 -3.91 6.42 -37.67
N PHE A 83 -5.08 6.29 -38.31
CA PHE A 83 -5.19 5.59 -39.58
C PHE A 83 -5.07 6.65 -40.68
N GLY A 84 -5.00 7.91 -40.26
CA GLY A 84 -4.86 9.00 -41.19
C GLY A 84 -6.09 9.23 -42.03
N SER A 85 -7.03 8.30 -41.92
CA SER A 85 -8.28 8.39 -42.64
C SER A 85 -9.31 8.04 -41.56
N PRO A 86 -10.56 8.54 -41.66
CA PRO A 86 -11.54 8.21 -40.62
C PRO A 86 -12.30 6.94 -40.91
N ILE A 87 -12.25 6.01 -39.97
CA ILE A 87 -12.96 4.76 -40.12
C ILE A 87 -14.33 5.10 -39.57
N THR A 88 -15.34 5.05 -40.42
CA THR A 88 -16.70 5.34 -39.98
C THR A 88 -17.60 4.46 -40.77
N GLU A 89 -18.90 4.60 -40.55
CA GLU A 89 -19.88 3.82 -41.27
C GLU A 89 -20.26 4.54 -42.57
N LYS A 90 -19.97 5.84 -42.63
CA LYS A 90 -20.29 6.63 -43.81
C LYS A 90 -19.11 6.89 -44.73
N ASP A 91 -17.90 6.60 -44.24
CA ASP A 91 -16.71 6.83 -45.04
C ASP A 91 -15.97 5.59 -45.47
N ALA A 92 -15.82 4.63 -44.56
CA ALA A 92 -15.11 3.38 -44.85
C ALA A 92 -15.97 2.18 -44.51
N PRO A 93 -17.20 2.15 -45.01
CA PRO A 93 -18.12 1.04 -44.76
C PRO A 93 -17.49 -0.34 -44.61
N ALA A 94 -16.65 -0.76 -45.56
CA ALA A 94 -16.04 -2.08 -45.46
C ALA A 94 -15.09 -2.17 -44.27
N LEU A 95 -14.32 -1.10 -44.04
CA LEU A 95 -13.36 -1.02 -42.92
C LEU A 95 -14.15 -1.15 -41.62
N HIS A 96 -14.99 -0.14 -41.39
CA HIS A 96 -15.85 -0.06 -40.22
C HIS A 96 -16.58 -1.37 -39.91
N LYS A 97 -17.23 -1.98 -40.88
CA LYS A 97 -17.90 -3.24 -40.60
C LYS A 97 -16.91 -4.29 -40.14
N LEU A 98 -15.86 -4.50 -40.92
CA LEU A 98 -14.82 -5.48 -40.61
C LEU A 98 -14.39 -5.35 -39.14
N LEU A 99 -14.02 -4.14 -38.77
CA LEU A 99 -13.56 -3.84 -37.43
C LEU A 99 -14.55 -4.16 -36.33
N THR A 100 -15.85 -4.00 -36.62
CA THR A 100 -16.90 -4.26 -35.63
C THR A 100 -17.39 -5.73 -35.55
N ASN A 101 -17.37 -6.44 -36.67
CA ASN A 101 -17.82 -7.82 -36.67
C ASN A 101 -16.87 -8.71 -35.86
N MET A 102 -15.74 -8.16 -35.42
CA MET A 102 -14.78 -8.96 -34.67
C MET A 102 -14.48 -8.41 -33.28
N ILE A 103 -15.24 -7.42 -32.84
CA ILE A 103 -14.99 -6.84 -31.51
C ILE A 103 -14.96 -7.98 -30.52
N GLU A 104 -15.97 -8.83 -30.60
CA GLU A 104 -16.08 -9.92 -29.66
C GLU A 104 -15.22 -11.16 -29.91
N ASP A 105 -14.62 -11.28 -31.09
CA ASP A 105 -13.77 -12.43 -31.30
C ASP A 105 -12.55 -12.13 -30.49
N ALA A 106 -12.15 -10.87 -30.50
CA ALA A 106 -10.97 -10.47 -29.77
C ALA A 106 -11.23 -10.16 -28.30
N GLY A 107 -12.37 -9.53 -28.01
CA GLY A 107 -12.72 -9.16 -26.63
C GLY A 107 -13.19 -10.25 -25.67
N ASP A 108 -14.11 -11.08 -26.13
CA ASP A 108 -14.64 -12.15 -25.32
C ASP A 108 -13.95 -13.50 -25.55
N LEU A 109 -14.18 -14.12 -26.71
CA LEU A 109 -13.58 -15.43 -27.03
C LEU A 109 -12.06 -15.53 -26.72
N ALA A 110 -11.33 -14.46 -27.02
CA ALA A 110 -9.89 -14.44 -26.79
C ALA A 110 -9.50 -14.45 -25.32
N THR A 111 -10.39 -13.92 -24.47
CA THR A 111 -10.11 -13.85 -23.04
C THR A 111 -10.97 -14.79 -22.22
N ARG A 112 -12.28 -14.73 -22.41
CA ARG A 112 -13.23 -15.55 -21.65
C ARG A 112 -12.70 -16.78 -20.91
N SER A 113 -12.01 -17.66 -21.60
CA SER A 113 -11.52 -18.87 -20.94
C SER A 113 -10.76 -18.66 -19.62
N ALA A 114 -9.88 -17.67 -19.57
CA ALA A 114 -9.07 -17.44 -18.38
C ALA A 114 -9.64 -16.37 -17.47
N LYS A 115 -10.55 -15.56 -18.04
CA LYS A 115 -11.20 -14.47 -17.32
C LYS A 115 -12.08 -15.08 -16.23
N ASP A 116 -12.79 -16.12 -16.66
CA ASP A 116 -13.70 -16.87 -15.81
C ASP A 116 -12.94 -17.73 -14.83
N HIS A 117 -11.91 -18.40 -15.30
CA HIS A 117 -11.17 -19.28 -14.42
C HIS A 117 -10.40 -18.61 -13.31
N TYR A 118 -10.07 -17.35 -13.45
CA TYR A 118 -9.32 -16.64 -12.41
C TYR A 118 -10.21 -15.58 -11.79
N MET A 119 -11.22 -15.13 -12.54
CA MET A 119 -12.10 -14.10 -12.03
C MET A 119 -11.28 -13.16 -11.14
N ARG A 120 -10.09 -12.81 -11.60
CA ARG A 120 -9.21 -11.93 -10.84
C ARG A 120 -9.87 -10.59 -10.53
N ILE A 121 -9.49 -10.04 -9.38
CA ILE A 121 -10.02 -8.80 -8.88
C ILE A 121 -9.50 -7.60 -9.64
N ARG A 122 -10.39 -6.76 -10.14
CA ARG A 122 -9.92 -5.57 -10.81
C ARG A 122 -9.35 -4.64 -9.72
N PRO A 123 -8.63 -3.57 -10.11
CA PRO A 123 -8.10 -2.68 -9.07
C PRO A 123 -9.05 -1.67 -8.44
N PHE A 124 -10.05 -1.17 -9.18
CA PHE A 124 -10.97 -0.20 -8.55
C PHE A 124 -11.65 -0.92 -7.40
N ALA A 125 -11.86 -2.21 -7.56
CA ALA A 125 -12.49 -3.05 -6.55
C ALA A 125 -11.51 -3.53 -5.49
N PHE A 126 -10.26 -3.72 -5.85
CA PHE A 126 -9.29 -4.17 -4.88
C PHE A 126 -9.04 -3.03 -3.93
N TYR A 127 -9.15 -1.80 -4.44
CA TYR A 127 -8.90 -0.61 -3.62
C TYR A 127 -10.10 0.17 -3.13
N GLY A 128 -11.30 -0.17 -3.60
CA GLY A 128 -12.47 0.56 -3.19
C GLY A 128 -12.73 1.75 -4.08
N VAL A 129 -11.66 2.46 -4.43
CA VAL A 129 -11.78 3.61 -5.31
C VAL A 129 -12.40 3.22 -6.64
N SER A 130 -13.06 4.17 -7.27
CA SER A 130 -13.69 3.92 -8.55
C SER A 130 -12.74 4.28 -9.69
N THR A 131 -13.15 3.91 -10.91
CA THR A 131 -12.39 4.13 -12.14
C THR A 131 -12.40 5.55 -12.65
N CYS A 132 -11.71 5.76 -13.76
CA CYS A 132 -11.63 7.09 -14.39
C CYS A 132 -12.88 7.28 -15.22
N ASN A 133 -13.52 6.16 -15.51
CA ASN A 133 -14.74 6.12 -16.29
C ASN A 133 -15.55 5.04 -15.60
N THR A 134 -16.57 5.49 -14.88
CA THR A 134 -17.47 4.65 -14.07
C THR A 134 -18.59 3.96 -14.85
N THR A 135 -18.82 4.44 -16.06
CA THR A 135 -19.82 3.91 -16.96
C THR A 135 -19.95 2.37 -16.99
N GLU A 136 -18.88 1.68 -17.38
CA GLU A 136 -18.91 0.22 -17.45
C GLU A 136 -18.39 -0.44 -16.18
N GLN A 137 -18.00 0.40 -15.23
CA GLN A 137 -17.45 -0.03 -13.95
C GLN A 137 -18.33 -1.06 -13.27
N ASP A 138 -19.62 -0.95 -13.51
CA ASP A 138 -20.58 -1.86 -12.92
C ASP A 138 -20.58 -3.20 -13.62
N LYS A 139 -20.97 -3.18 -14.89
CA LYS A 139 -21.04 -4.36 -15.72
C LYS A 139 -19.77 -5.18 -15.64
N LEU A 140 -18.65 -4.49 -15.39
CA LEU A 140 -17.35 -5.14 -15.34
C LEU A 140 -16.87 -5.60 -13.98
N SER A 141 -17.36 -4.96 -12.93
CA SER A 141 -16.95 -5.34 -11.59
C SER A 141 -17.07 -6.84 -11.38
N LYS A 142 -18.05 -7.46 -12.02
CA LYS A 142 -18.27 -8.91 -11.90
C LYS A 142 -17.77 -9.66 -13.14
N ASN A 143 -16.61 -9.22 -13.60
CA ASN A 143 -15.97 -9.79 -14.77
C ASN A 143 -14.50 -9.95 -14.43
N GLY A 144 -13.96 -11.13 -14.66
CA GLY A 144 -12.54 -11.34 -14.39
C GLY A 144 -11.68 -10.22 -14.97
N SER A 145 -10.62 -9.85 -14.27
CA SER A 145 -9.74 -8.78 -14.69
C SER A 145 -8.67 -9.22 -15.70
N TYR A 146 -8.27 -10.51 -15.58
CA TYR A 146 -7.22 -11.16 -16.37
C TYR A 146 -7.70 -12.12 -17.44
N PRO A 147 -7.42 -11.82 -18.73
CA PRO A 147 -6.70 -10.65 -19.21
C PRO A 147 -7.65 -9.58 -19.72
N SER A 148 -7.16 -8.37 -19.93
CA SER A 148 -7.99 -7.29 -20.41
C SER A 148 -8.60 -7.48 -21.80
N GLY A 149 -9.90 -7.24 -21.91
CA GLY A 149 -10.58 -7.41 -23.17
C GLY A 149 -10.49 -6.17 -24.05
N HIS A 150 -10.53 -4.99 -23.46
CA HIS A 150 -10.42 -3.76 -24.23
C HIS A 150 -9.01 -3.86 -24.82
N THR A 151 -8.07 -4.30 -24.00
CA THR A 151 -6.67 -4.43 -24.42
C THR A 151 -6.57 -5.37 -25.59
N SER A 152 -7.06 -6.58 -25.43
CA SER A 152 -6.99 -7.56 -26.49
C SER A 152 -7.86 -7.18 -27.69
N ILE A 153 -8.34 -5.96 -27.75
CA ILE A 153 -9.18 -5.54 -28.85
C ILE A 153 -8.46 -4.36 -29.47
N GLY A 154 -7.67 -3.69 -28.66
CA GLY A 154 -6.94 -2.55 -29.15
C GLY A 154 -5.80 -3.08 -29.98
N TRP A 155 -5.21 -4.18 -29.54
CA TRP A 155 -4.10 -4.78 -30.26
C TRP A 155 -4.65 -5.54 -31.46
N ALA A 156 -5.60 -6.44 -31.26
CA ALA A 156 -6.16 -7.17 -32.38
C ALA A 156 -6.56 -6.19 -33.50
N THR A 157 -7.39 -5.21 -33.17
CA THR A 157 -7.82 -4.24 -34.16
C THR A 157 -6.70 -3.41 -34.71
N ALA A 158 -5.49 -3.60 -34.20
CA ALA A 158 -4.35 -2.80 -34.69
C ALA A 158 -3.51 -3.58 -35.68
N LEU A 159 -3.37 -4.88 -35.44
CA LEU A 159 -2.60 -5.72 -36.30
C LEU A 159 -3.34 -5.85 -37.61
N VAL A 160 -4.62 -5.50 -37.59
CA VAL A 160 -5.48 -5.60 -38.74
C VAL A 160 -5.49 -4.31 -39.53
N LEU A 161 -5.40 -3.20 -38.83
CA LEU A 161 -5.41 -1.90 -39.48
C LEU A 161 -3.99 -1.59 -39.97
N ALA A 162 -3.04 -2.35 -39.47
CA ALA A 162 -1.65 -2.13 -39.85
C ALA A 162 -1.32 -2.98 -41.07
N GLU A 163 -2.09 -4.03 -41.31
CA GLU A 163 -1.83 -4.83 -42.49
C GLU A 163 -2.66 -4.20 -43.60
N ILE A 164 -3.55 -3.29 -43.23
CA ILE A 164 -4.39 -2.63 -44.21
C ILE A 164 -3.78 -1.30 -44.58
N ASN A 165 -3.02 -0.73 -43.66
CA ASN A 165 -2.37 0.56 -43.90
C ASN A 165 -0.93 0.58 -43.38
N PRO A 166 -0.07 -0.33 -43.92
CA PRO A 166 1.35 -0.48 -43.53
C PRO A 166 2.20 0.78 -43.52
N GLN A 167 1.88 1.77 -44.34
CA GLN A 167 2.71 2.96 -44.31
C GLN A 167 2.51 3.68 -42.97
N ARG A 168 1.41 3.37 -42.28
CA ARG A 168 1.09 3.99 -40.99
C ARG A 168 1.01 2.99 -39.83
N GLN A 169 1.60 1.82 -40.01
CA GLN A 169 1.56 0.78 -39.00
C GLN A 169 2.11 1.16 -37.64
N ASN A 170 3.12 2.02 -37.60
CA ASN A 170 3.70 2.40 -36.33
C ASN A 170 2.75 3.25 -35.49
N GLU A 171 1.94 4.08 -36.13
CA GLU A 171 0.99 4.91 -35.37
C GLU A 171 -0.16 4.01 -34.98
N ILE A 172 -0.59 3.16 -35.89
CA ILE A 172 -1.68 2.25 -35.61
C ILE A 172 -1.28 1.42 -34.40
N LEU A 173 -0.23 0.64 -34.56
CA LEU A 173 0.25 -0.20 -33.50
C LEU A 173 0.45 0.55 -32.16
N LYS A 174 0.88 1.79 -32.22
CA LYS A 174 1.09 2.55 -30.98
C LYS A 174 -0.22 2.85 -30.29
N ARG A 175 -1.21 3.29 -31.05
CA ARG A 175 -2.50 3.60 -30.47
C ARG A 175 -3.11 2.35 -29.87
N GLY A 176 -3.08 1.25 -30.61
CA GLY A 176 -3.62 0.02 -30.08
C GLY A 176 -2.92 -0.36 -28.78
N TYR A 177 -1.65 -0.04 -28.69
CA TYR A 177 -0.91 -0.35 -27.47
C TYR A 177 -1.41 0.58 -26.38
N GLU A 178 -1.68 1.83 -26.75
CA GLU A 178 -2.15 2.83 -25.82
C GLU A 178 -3.59 2.60 -25.35
N LEU A 179 -4.43 2.07 -26.22
CA LEU A 179 -5.82 1.79 -25.89
C LEU A 179 -5.84 0.81 -24.71
N GLY A 180 -4.74 0.07 -24.58
CA GLY A 180 -4.61 -0.91 -23.52
C GLY A 180 -4.02 -0.35 -22.23
N GLN A 181 -3.11 0.61 -22.37
CA GLN A 181 -2.49 1.24 -21.23
C GLN A 181 -3.54 2.03 -20.47
N SER A 182 -4.44 2.67 -21.21
CA SER A 182 -5.53 3.43 -20.61
C SER A 182 -6.24 2.64 -19.48
N ARG A 183 -6.56 1.37 -19.72
CA ARG A 183 -7.24 0.54 -18.74
C ARG A 183 -6.45 0.63 -17.46
N VAL A 184 -5.13 0.59 -17.62
CA VAL A 184 -4.26 0.64 -16.46
C VAL A 184 -4.32 1.98 -15.75
N ILE A 185 -4.49 3.05 -16.51
CA ILE A 185 -4.53 4.41 -15.97
C ILE A 185 -5.94 4.73 -15.45
N CYS A 186 -6.92 4.01 -15.93
CA CYS A 186 -8.30 4.19 -15.56
C CYS A 186 -8.67 3.34 -14.34
N GLY A 187 -7.72 2.57 -13.85
CA GLY A 187 -8.02 1.76 -12.69
C GLY A 187 -8.87 0.58 -13.06
N TYR A 188 -9.06 0.34 -14.35
CA TYR A 188 -9.88 -0.80 -14.77
C TYR A 188 -9.17 -2.11 -14.78
N HIS A 189 -7.86 -2.10 -15.07
CA HIS A 189 -7.11 -3.35 -15.17
C HIS A 189 -5.73 -3.19 -14.56
N TRP A 190 -5.12 -4.28 -14.13
CA TRP A 190 -3.78 -4.22 -13.56
C TRP A 190 -2.82 -4.24 -14.75
N GLN A 191 -1.59 -3.80 -14.57
CA GLN A 191 -0.66 -3.83 -15.69
C GLN A 191 -0.66 -5.26 -16.27
N SER A 192 -0.45 -6.27 -15.43
CA SER A 192 -0.40 -7.63 -15.92
C SER A 192 -1.58 -8.13 -16.72
N ASP A 193 -2.72 -7.45 -16.60
CA ASP A 193 -3.88 -7.91 -17.32
C ASP A 193 -3.74 -7.42 -18.72
N VAL A 194 -3.13 -6.24 -18.85
CA VAL A 194 -2.95 -5.60 -20.12
C VAL A 194 -1.87 -6.32 -20.94
N ASP A 195 -0.73 -6.60 -20.32
CA ASP A 195 0.34 -7.31 -20.99
C ASP A 195 -0.13 -8.65 -21.48
N ALA A 196 -0.66 -9.46 -20.58
CA ALA A 196 -1.12 -10.77 -20.97
C ALA A 196 -2.19 -10.69 -22.02
N ALA A 197 -2.83 -9.54 -22.18
CA ALA A 197 -3.91 -9.42 -23.16
C ALA A 197 -3.45 -9.27 -24.60
N ARG A 198 -2.24 -8.73 -24.78
CA ARG A 198 -1.68 -8.56 -26.11
C ARG A 198 -1.34 -9.96 -26.71
N VAL A 199 -1.12 -10.96 -25.87
CA VAL A 199 -0.83 -12.29 -26.36
C VAL A 199 -2.06 -12.89 -27.01
N VAL A 200 -3.17 -12.93 -26.28
CA VAL A 200 -4.39 -13.51 -26.84
C VAL A 200 -4.89 -12.60 -27.92
N GLY A 201 -4.65 -11.31 -27.74
CA GLY A 201 -5.11 -10.35 -28.72
C GLY A 201 -4.49 -10.66 -30.07
N SER A 202 -3.20 -10.99 -30.05
CA SER A 202 -2.45 -11.31 -31.26
C SER A 202 -2.77 -12.72 -31.76
N ALA A 203 -3.10 -13.63 -30.86
CA ALA A 203 -3.39 -14.99 -31.27
C ALA A 203 -4.74 -15.12 -31.97
N VAL A 204 -5.64 -14.18 -31.73
CA VAL A 204 -6.96 -14.27 -32.35
C VAL A 204 -6.88 -13.88 -33.81
N VAL A 205 -6.08 -12.86 -34.13
CA VAL A 205 -5.97 -12.43 -35.52
C VAL A 205 -5.48 -13.60 -36.41
N ALA A 206 -4.61 -14.44 -35.86
CA ALA A 206 -4.13 -15.58 -36.61
C ALA A 206 -5.36 -16.39 -37.00
N THR A 207 -6.18 -16.69 -36.00
CA THR A 207 -7.41 -17.46 -36.20
C THR A 207 -8.39 -16.75 -37.12
N LEU A 208 -8.45 -15.43 -37.02
CA LEU A 208 -9.39 -14.66 -37.84
C LEU A 208 -9.04 -14.79 -39.33
N HIS A 209 -7.74 -14.76 -39.62
CA HIS A 209 -7.24 -14.85 -40.98
C HIS A 209 -7.61 -16.18 -41.63
N THR A 210 -8.05 -17.13 -40.83
CA THR A 210 -8.46 -18.43 -41.35
C THR A 210 -9.97 -18.45 -41.53
N ASN A 211 -10.61 -17.31 -41.32
CA ASN A 211 -12.06 -17.26 -41.43
C ASN A 211 -12.59 -16.54 -42.67
N PRO A 212 -13.25 -17.28 -43.56
CA PRO A 212 -13.84 -16.79 -44.81
C PRO A 212 -14.54 -15.45 -44.66
N ALA A 213 -15.36 -15.32 -43.63
CA ALA A 213 -16.11 -14.10 -43.37
C ALA A 213 -15.16 -12.96 -43.07
N PHE A 214 -14.10 -13.24 -42.33
CA PHE A 214 -13.12 -12.22 -42.03
C PHE A 214 -12.29 -11.94 -43.28
N GLN A 215 -11.91 -13.02 -43.98
CA GLN A 215 -11.14 -12.90 -45.21
C GLN A 215 -11.85 -11.91 -46.12
N GLN A 216 -13.04 -12.32 -46.56
CA GLN A 216 -13.86 -11.48 -47.42
C GLN A 216 -13.79 -10.01 -47.07
N GLN A 217 -14.38 -9.66 -45.93
CA GLN A 217 -14.41 -8.26 -45.50
C GLN A 217 -13.03 -7.63 -45.42
N LEU A 218 -12.02 -8.41 -45.01
CA LEU A 218 -10.68 -7.88 -44.93
C LEU A 218 -10.27 -7.46 -46.33
N GLN A 219 -10.69 -8.27 -47.31
CA GLN A 219 -10.42 -8.01 -48.73
C GLN A 219 -11.14 -6.72 -49.15
N LYS A 220 -12.45 -6.70 -48.99
CA LYS A 220 -13.24 -5.51 -49.32
C LYS A 220 -12.66 -4.28 -48.60
N ALA A 221 -12.25 -4.47 -47.35
CA ALA A 221 -11.67 -3.38 -46.57
C ALA A 221 -10.46 -2.81 -47.30
N LYS A 222 -9.64 -3.71 -47.85
CA LYS A 222 -8.43 -3.32 -48.57
C LYS A 222 -8.73 -2.64 -49.89
N ALA A 223 -9.68 -3.20 -50.65
CA ALA A 223 -10.04 -2.58 -51.92
C ALA A 223 -10.51 -1.17 -51.59
N GLU A 224 -11.60 -1.09 -50.86
CA GLU A 224 -12.18 0.18 -50.47
C GLU A 224 -11.14 1.16 -49.91
N PHE A 225 -10.11 0.64 -49.26
CA PHE A 225 -9.11 1.54 -48.70
C PHE A 225 -8.43 2.38 -49.79
N ALA A 226 -8.11 1.76 -50.92
CA ALA A 226 -7.46 2.50 -51.99
C ALA A 226 -8.20 3.83 -52.22
N GLN A 227 -9.48 3.86 -51.84
CA GLN A 227 -10.37 5.03 -51.99
C GLN A 227 -10.21 6.12 -50.93
N HIS A 228 -10.95 6.00 -49.84
CA HIS A 228 -10.91 6.99 -48.77
C HIS A 228 -9.48 7.27 -48.29
N GLY B 7 -1.12 -9.07 35.80
CA GLY B 7 -2.41 -9.61 35.16
C GLY B 7 -2.96 -10.86 35.86
N ASN B 8 -4.17 -11.28 35.53
CA ASN B 8 -4.73 -12.44 36.20
C ASN B 8 -3.89 -13.67 36.01
N ASP B 9 -4.33 -14.73 36.65
CA ASP B 9 -3.69 -16.00 36.55
C ASP B 9 -4.58 -16.96 37.33
N THR B 10 -4.06 -18.13 37.65
CA THR B 10 -4.87 -19.13 38.31
C THR B 10 -5.36 -18.67 39.68
N THR B 11 -4.54 -17.88 40.37
CA THR B 11 -4.92 -17.39 41.68
C THR B 11 -6.08 -16.43 41.68
N THR B 12 -6.60 -16.04 40.53
CA THR B 12 -7.69 -15.11 40.52
C THR B 12 -8.73 -15.47 39.49
N LYS B 13 -8.40 -16.39 38.59
CA LYS B 13 -9.35 -16.80 37.57
C LYS B 13 -9.01 -18.23 37.33
N PRO B 14 -9.07 -19.05 38.41
CA PRO B 14 -8.75 -20.49 38.38
C PRO B 14 -9.57 -21.31 37.42
N ASP B 15 -10.55 -20.70 36.77
CA ASP B 15 -11.36 -21.45 35.82
C ASP B 15 -10.97 -21.10 34.37
N LEU B 16 -9.92 -20.30 34.23
CA LEU B 16 -9.41 -19.87 32.93
C LEU B 16 -7.89 -20.00 32.89
N TYR B 17 -7.29 -20.41 34.00
CA TYR B 17 -5.86 -20.58 34.05
C TYR B 17 -5.56 -21.74 34.98
N TYR B 18 -4.44 -22.41 34.75
CA TYR B 18 -3.98 -23.53 35.55
C TYR B 18 -2.62 -23.08 36.07
N LEU B 19 -2.16 -21.93 35.60
CA LEU B 19 -0.83 -21.48 36.00
C LEU B 19 -0.79 -20.11 36.66
N LYS B 20 0.26 -19.85 37.41
CA LYS B 20 0.42 -18.57 38.07
C LYS B 20 1.31 -17.74 37.17
N ASN B 21 1.26 -16.43 37.34
CA ASN B 21 2.07 -15.54 36.54
C ASN B 21 3.54 -15.91 36.63
N SER B 22 3.89 -16.64 37.68
CA SER B 22 5.27 -17.03 37.91
C SER B 22 5.70 -18.22 37.07
N GLU B 23 4.75 -19.02 36.63
CA GLU B 23 5.08 -20.17 35.83
C GLU B 23 5.00 -19.79 34.34
N ALA B 24 4.61 -18.54 34.09
CA ALA B 24 4.46 -18.02 32.74
C ALA B 24 5.74 -18.04 31.91
N ILE B 25 5.56 -18.27 30.62
CA ILE B 25 6.66 -18.31 29.66
C ILE B 25 6.89 -16.88 29.28
N ASN B 26 8.16 -16.48 29.28
CA ASN B 26 8.53 -15.13 28.92
C ASN B 26 8.68 -15.02 27.41
N SER B 27 7.61 -14.60 26.77
CA SER B 27 7.60 -14.45 25.35
C SER B 27 8.56 -13.32 24.99
N LEU B 28 8.50 -12.22 25.72
CA LEU B 28 9.36 -11.09 25.41
C LEU B 28 10.78 -11.52 25.16
N ALA B 29 11.27 -12.42 26.01
CA ALA B 29 12.63 -12.90 25.91
C ALA B 29 12.82 -14.02 24.91
N LEU B 30 11.75 -14.74 24.60
CA LEU B 30 11.84 -15.88 23.72
C LEU B 30 11.50 -15.58 22.27
N LEU B 31 10.76 -14.53 22.06
CA LEU B 31 10.36 -14.21 20.73
C LEU B 31 11.13 -13.08 20.14
N PRO B 32 11.44 -13.19 18.85
CA PRO B 32 12.17 -12.16 18.11
C PRO B 32 11.27 -10.96 17.97
N PRO B 33 11.87 -9.80 17.86
CA PRO B 33 11.08 -8.59 17.71
C PRO B 33 10.17 -8.76 16.55
N PRO B 34 9.06 -8.01 16.53
CA PRO B 34 8.18 -8.18 15.37
C PRO B 34 8.75 -7.42 14.16
N PRO B 35 8.32 -7.79 12.93
CA PRO B 35 8.78 -7.11 11.73
C PRO B 35 8.58 -5.62 11.87
N ALA B 36 9.60 -4.81 11.56
CA ALA B 36 9.47 -3.37 11.63
C ALA B 36 8.82 -2.80 10.35
N VAL B 37 8.44 -1.52 10.37
CA VAL B 37 7.82 -0.89 9.20
C VAL B 37 9.01 -0.39 8.46
N GLY B 38 9.12 -0.86 7.22
CA GLY B 38 10.23 -0.51 6.38
C GLY B 38 11.14 -1.73 6.28
N SER B 39 10.62 -2.88 6.70
CA SER B 39 11.36 -4.10 6.63
C SER B 39 10.66 -4.87 5.52
N ILE B 40 11.31 -5.90 4.95
CA ILE B 40 10.72 -6.68 3.86
C ILE B 40 9.65 -7.59 4.44
N ALA B 41 9.90 -8.06 5.67
CA ALA B 41 8.99 -8.94 6.39
C ALA B 41 7.62 -8.27 6.62
N PHE B 42 7.65 -6.99 7.01
CA PHE B 42 6.40 -6.27 7.20
C PHE B 42 5.66 -6.24 5.85
N LEU B 43 6.37 -5.84 4.79
CA LEU B 43 5.83 -5.78 3.43
C LEU B 43 5.04 -7.06 3.13
N ASN B 44 5.57 -8.20 3.58
CA ASN B 44 4.89 -9.49 3.41
C ASN B 44 3.65 -9.56 4.31
N ASP B 45 3.74 -9.01 5.53
CA ASP B 45 2.60 -8.96 6.44
C ASP B 45 1.51 -8.22 5.68
N GLN B 46 1.84 -7.03 5.20
CA GLN B 46 0.87 -6.27 4.43
C GLN B 46 0.33 -7.09 3.27
N ALA B 47 1.21 -7.85 2.59
CA ALA B 47 0.76 -8.64 1.45
C ALA B 47 -0.20 -9.70 1.94
N MET B 48 0.13 -10.32 3.09
CA MET B 48 -0.71 -11.37 3.66
C MET B 48 -2.09 -10.91 4.12
N TYR B 49 -2.18 -9.65 4.51
CA TYR B 49 -3.43 -9.06 4.93
C TYR B 49 -4.37 -8.94 3.75
N GLU B 50 -3.88 -8.31 2.68
CA GLU B 50 -4.66 -8.09 1.46
C GLU B 50 -5.09 -9.39 0.91
N GLN B 51 -4.23 -10.39 0.98
CA GLN B 51 -4.61 -11.69 0.49
C GLN B 51 -5.75 -12.13 1.37
N GLY B 52 -5.55 -11.97 2.68
CA GLY B 52 -6.52 -12.37 3.69
C GLY B 52 -7.86 -11.66 3.55
N ARG B 53 -7.78 -10.34 3.45
CA ARG B 53 -8.95 -9.53 3.29
C ARG B 53 -9.76 -9.92 2.07
N LEU B 54 -9.12 -10.26 0.96
CA LEU B 54 -9.91 -10.62 -0.22
C LEU B 54 -10.55 -12.00 -0.04
N LEU B 55 -10.11 -12.71 0.98
CA LEU B 55 -10.64 -14.04 1.25
C LEU B 55 -11.91 -13.99 2.06
N ARG B 56 -12.09 -12.87 2.76
CA ARG B 56 -13.23 -12.63 3.66
C ARG B 56 -14.64 -12.92 3.15
N ASN B 57 -14.90 -12.66 1.88
CA ASN B 57 -16.23 -12.93 1.31
C ASN B 57 -16.24 -14.32 0.63
N THR B 58 -15.52 -15.25 1.24
CA THR B 58 -15.37 -16.63 0.79
C THR B 58 -15.86 -17.49 1.98
N GLU B 59 -15.99 -18.80 1.81
CA GLU B 59 -16.43 -19.61 2.94
C GLU B 59 -15.33 -19.55 4.01
N ARG B 60 -14.07 -19.71 3.59
CA ARG B 60 -12.96 -19.66 4.53
C ARG B 60 -13.06 -18.36 5.31
N GLY B 61 -13.71 -17.37 4.72
CA GLY B 61 -13.88 -16.09 5.36
C GLY B 61 -14.91 -16.20 6.47
N LYS B 62 -16.10 -16.68 6.11
CA LYS B 62 -17.16 -16.86 7.09
C LYS B 62 -16.58 -17.66 8.24
N LEU B 63 -15.89 -18.75 7.93
CA LEU B 63 -15.28 -19.56 8.95
C LEU B 63 -14.24 -18.79 9.75
N ALA B 64 -13.75 -17.68 9.21
CA ALA B 64 -12.75 -16.88 9.91
C ALA B 64 -13.43 -15.95 10.93
N ALA B 65 -14.59 -15.42 10.55
CA ALA B 65 -15.36 -14.54 11.43
C ALA B 65 -15.84 -15.37 12.62
N GLU B 66 -16.45 -16.50 12.31
CA GLU B 66 -16.93 -17.37 13.36
C GLU B 66 -15.78 -18.20 13.88
N ASP B 67 -14.64 -17.56 14.08
CA ASP B 67 -13.47 -18.24 14.58
C ASP B 67 -12.84 -17.30 15.58
N ALA B 68 -13.30 -16.05 15.56
CA ALA B 68 -12.82 -15.03 16.48
C ALA B 68 -13.43 -15.32 17.83
N ASN B 69 -14.40 -16.23 17.85
CA ASN B 69 -15.11 -16.59 19.07
C ASN B 69 -14.61 -17.89 19.72
N LEU B 70 -13.82 -17.73 20.79
CA LEU B 70 -13.26 -18.86 21.55
C LEU B 70 -13.31 -18.49 23.04
N SER B 71 -13.47 -17.20 23.29
CA SER B 71 -13.52 -16.61 24.63
C SER B 71 -14.05 -17.49 25.77
N SER B 72 -15.10 -18.25 25.49
CA SER B 72 -15.68 -19.13 26.52
C SER B 72 -16.35 -20.39 25.95
N GLY B 73 -15.66 -21.53 26.07
CA GLY B 73 -16.21 -22.77 25.56
C GLY B 73 -16.19 -22.80 24.03
N GLY B 74 -16.10 -21.62 23.42
CA GLY B 74 -16.06 -21.52 21.98
C GLY B 74 -14.91 -22.31 21.39
N VAL B 75 -13.74 -22.26 22.03
CA VAL B 75 -12.62 -22.99 21.52
C VAL B 75 -12.96 -24.47 21.35
N ALA B 76 -13.54 -25.10 22.37
CA ALA B 76 -13.88 -26.51 22.26
C ALA B 76 -14.94 -26.68 21.17
N ASN B 77 -15.59 -25.58 20.80
CA ASN B 77 -16.61 -25.61 19.74
C ASN B 77 -15.93 -25.62 18.36
N ALA B 78 -14.93 -24.74 18.23
CA ALA B 78 -14.18 -24.62 17.01
C ALA B 78 -13.52 -25.97 16.67
N PHE B 79 -13.14 -26.73 17.69
CA PHE B 79 -12.47 -28.01 17.48
C PHE B 79 -13.38 -29.22 17.43
N SER B 80 -14.69 -29.03 17.46
CA SER B 80 -15.58 -30.19 17.47
C SER B 80 -15.37 -31.18 16.32
N GLY B 81 -15.66 -30.72 15.10
CA GLY B 81 -15.50 -31.57 13.92
C GLY B 81 -14.15 -32.25 13.81
N ALA B 82 -13.10 -31.46 13.85
CA ALA B 82 -11.76 -32.00 13.74
C ALA B 82 -11.52 -33.11 14.76
N PHE B 83 -11.98 -32.91 15.99
CA PHE B 83 -11.79 -33.90 17.06
C PHE B 83 -12.58 -35.17 16.79
N GLY B 84 -13.71 -35.03 16.09
CA GLY B 84 -14.53 -36.19 15.77
C GLY B 84 -15.83 -36.24 16.54
N SER B 85 -15.68 -36.42 17.84
CA SER B 85 -16.81 -36.45 18.75
C SER B 85 -17.06 -34.99 19.12
N PRO B 86 -18.27 -34.65 19.59
CA PRO B 86 -18.50 -33.24 19.96
C PRO B 86 -17.92 -32.97 21.36
N ILE B 87 -17.46 -31.75 21.56
CA ILE B 87 -16.88 -31.38 22.84
C ILE B 87 -17.80 -30.36 23.44
N THR B 88 -18.74 -30.83 24.25
CA THR B 88 -19.69 -29.95 24.91
C THR B 88 -19.67 -30.20 26.41
N GLU B 89 -20.21 -29.24 27.16
CA GLU B 89 -20.27 -29.34 28.62
C GLU B 89 -21.09 -30.56 28.97
N LYS B 90 -22.04 -30.88 28.11
CA LYS B 90 -22.93 -32.02 28.28
C LYS B 90 -22.47 -33.38 27.71
N ASP B 91 -21.72 -33.37 26.60
CA ASP B 91 -21.24 -34.61 25.97
C ASP B 91 -19.87 -35.09 26.40
N ALA B 92 -18.99 -34.14 26.72
CA ALA B 92 -17.64 -34.44 27.19
C ALA B 92 -17.16 -33.29 28.07
N PRO B 93 -17.75 -33.13 29.28
CA PRO B 93 -17.41 -32.07 30.24
C PRO B 93 -16.03 -32.17 30.89
N ALA B 94 -15.40 -33.34 30.88
CA ALA B 94 -14.05 -33.47 31.42
C ALA B 94 -13.06 -32.83 30.42
N LEU B 95 -13.28 -33.10 29.13
CA LEU B 95 -12.43 -32.55 28.10
C LEU B 95 -12.81 -31.09 28.00
N HIS B 96 -14.11 -30.83 27.93
CA HIS B 96 -14.62 -29.47 27.84
C HIS B 96 -14.11 -28.55 28.96
N LYS B 97 -13.75 -29.10 30.11
CA LYS B 97 -13.26 -28.26 31.22
C LYS B 97 -11.76 -28.04 31.08
N LEU B 98 -11.09 -29.09 30.63
CA LEU B 98 -9.67 -29.10 30.41
C LEU B 98 -9.31 -27.95 29.46
N LEU B 99 -10.10 -27.84 28.41
CA LEU B 99 -9.83 -26.82 27.42
C LEU B 99 -10.21 -25.48 27.93
N THR B 100 -11.37 -25.40 28.56
CA THR B 100 -11.87 -24.13 29.07
C THR B 100 -10.96 -23.55 30.14
N ASN B 101 -10.31 -24.42 30.88
CA ASN B 101 -9.46 -23.97 31.95
C ASN B 101 -8.08 -23.49 31.51
N MET B 102 -7.54 -24.11 30.47
CA MET B 102 -6.21 -23.78 29.94
C MET B 102 -6.21 -22.62 28.95
N ILE B 103 -7.39 -22.12 28.59
CA ILE B 103 -7.49 -21.04 27.62
C ILE B 103 -6.66 -19.80 27.90
N GLU B 104 -6.89 -19.15 29.03
CA GLU B 104 -6.12 -17.95 29.28
C GLU B 104 -4.66 -18.19 29.58
N ASP B 105 -4.28 -19.44 29.85
CA ASP B 105 -2.87 -19.74 30.07
C ASP B 105 -2.19 -19.57 28.71
N ALA B 106 -2.92 -19.99 27.67
CA ALA B 106 -2.46 -19.92 26.29
C ALA B 106 -2.69 -18.52 25.72
N GLY B 107 -3.90 -17.99 25.84
CA GLY B 107 -4.17 -16.69 25.29
C GLY B 107 -3.62 -15.47 26.02
N ASP B 108 -3.26 -15.60 27.29
CA ASP B 108 -2.78 -14.43 28.00
C ASP B 108 -1.41 -14.56 28.63
N LEU B 109 -1.20 -15.62 29.37
CA LEU B 109 0.10 -15.77 30.00
C LEU B 109 1.22 -15.90 28.96
N ALA B 110 1.11 -16.91 28.10
CA ALA B 110 2.10 -17.16 27.06
C ALA B 110 2.39 -15.95 26.20
N THR B 111 1.42 -15.06 26.02
CA THR B 111 1.62 -13.94 25.12
C THR B 111 1.72 -12.57 25.73
N ARG B 112 1.72 -12.47 27.05
CA ARG B 112 1.74 -11.17 27.72
C ARG B 112 2.97 -10.25 27.70
N SER B 113 4.16 -10.78 27.99
CA SER B 113 5.37 -9.93 28.00
C SER B 113 5.65 -9.23 26.67
N ALA B 114 5.53 -9.98 25.57
CA ALA B 114 5.79 -9.44 24.24
C ALA B 114 4.66 -8.55 23.82
N LYS B 115 3.45 -9.06 23.96
CA LYS B 115 2.29 -8.29 23.55
C LYS B 115 2.40 -6.86 24.07
N ASP B 116 2.58 -6.78 25.37
CA ASP B 116 2.66 -5.54 26.14
C ASP B 116 3.90 -4.75 25.96
N HIS B 117 5.01 -5.44 25.75
CA HIS B 117 6.27 -4.74 25.54
C HIS B 117 6.28 -4.05 24.17
N TYR B 118 5.88 -4.76 23.13
CA TYR B 118 5.88 -4.18 21.77
C TYR B 118 4.67 -3.33 21.41
N MET B 119 3.47 -3.74 21.77
CA MET B 119 2.30 -2.95 21.44
C MET B 119 2.23 -2.78 19.93
N ARG B 120 2.63 -3.81 19.20
CA ARG B 120 2.57 -3.68 17.76
C ARG B 120 1.13 -3.25 17.48
N ILE B 121 0.93 -2.51 16.40
CA ILE B 121 -0.40 -2.08 16.02
C ILE B 121 -1.08 -3.23 15.28
N ARG B 122 -2.31 -3.06 14.83
CA ARG B 122 -3.06 -4.13 14.15
C ARG B 122 -3.52 -3.71 12.77
N PRO B 123 -3.69 -4.66 11.87
CA PRO B 123 -4.11 -4.24 10.54
C PRO B 123 -5.31 -3.35 10.55
N PHE B 124 -6.43 -3.84 11.10
CA PHE B 124 -7.64 -3.04 11.09
C PHE B 124 -7.40 -1.61 11.54
N ALA B 125 -6.51 -1.43 12.50
CA ALA B 125 -6.18 -0.10 13.03
C ALA B 125 -5.17 0.61 12.17
N PHE B 126 -4.33 -0.20 11.53
CA PHE B 126 -3.28 0.27 10.64
C PHE B 126 -3.89 0.87 9.39
N TYR B 127 -4.82 0.11 8.80
CA TYR B 127 -5.48 0.52 7.58
C TYR B 127 -6.75 1.28 7.85
N GLY B 128 -7.25 1.22 9.07
CA GLY B 128 -8.48 1.91 9.39
C GLY B 128 -9.71 1.25 8.80
N VAL B 129 -9.72 -0.08 8.75
CA VAL B 129 -10.90 -0.80 8.26
C VAL B 129 -11.17 -1.91 9.23
N SER B 130 -12.45 -2.18 9.41
CA SER B 130 -12.91 -3.18 10.36
C SER B 130 -12.62 -4.63 10.06
N THR B 131 -12.31 -5.34 11.13
CA THR B 131 -12.04 -6.76 11.10
C THR B 131 -13.26 -7.44 10.52
N CYS B 132 -13.22 -8.77 10.42
CA CYS B 132 -14.37 -9.48 9.85
C CYS B 132 -15.41 -9.79 10.93
N ASN B 133 -15.00 -9.71 12.19
CA ASN B 133 -15.87 -9.99 13.34
C ASN B 133 -15.53 -8.96 14.43
N THR B 134 -16.25 -7.85 14.41
CA THR B 134 -16.04 -6.74 15.33
C THR B 134 -16.49 -6.90 16.78
N THR B 135 -16.72 -8.14 17.24
CA THR B 135 -17.13 -8.36 18.63
C THR B 135 -16.06 -7.83 19.60
N GLU B 136 -14.87 -8.39 19.54
CA GLU B 136 -13.78 -7.98 20.42
C GLU B 136 -12.90 -6.88 19.86
N GLN B 137 -13.23 -6.37 18.68
CA GLN B 137 -12.44 -5.33 18.04
C GLN B 137 -12.03 -4.17 18.92
N ASP B 138 -13.00 -3.44 19.44
CA ASP B 138 -12.75 -2.28 20.30
C ASP B 138 -11.98 -2.66 21.57
N LYS B 139 -12.17 -3.88 22.04
CA LYS B 139 -11.49 -4.35 23.24
C LYS B 139 -10.02 -4.69 22.94
N LEU B 140 -9.79 -5.33 21.78
CA LEU B 140 -8.46 -5.75 21.32
C LEU B 140 -7.75 -4.59 20.66
N SER B 141 -8.52 -3.63 20.18
CA SER B 141 -7.95 -2.48 19.53
C SER B 141 -6.84 -1.87 20.37
N LYS B 142 -6.84 -2.16 21.66
CA LYS B 142 -5.81 -1.60 22.52
C LYS B 142 -4.89 -2.70 23.04
N ASN B 143 -4.95 -3.84 22.38
CA ASN B 143 -4.13 -4.97 22.76
C ASN B 143 -2.94 -5.17 21.82
N GLY B 144 -1.76 -5.35 22.42
CA GLY B 144 -0.56 -5.59 21.64
C GLY B 144 -0.92 -6.60 20.56
N SER B 145 -0.55 -6.31 19.33
CA SER B 145 -0.91 -7.22 18.27
C SER B 145 -0.02 -8.46 18.22
N TYR B 146 1.20 -8.33 18.72
CA TYR B 146 2.19 -9.39 18.67
C TYR B 146 2.66 -9.96 20.00
N PRO B 147 2.50 -11.29 20.21
CA PRO B 147 1.92 -12.35 19.37
C PRO B 147 0.41 -12.41 19.48
N SER B 148 -0.23 -13.34 18.77
CA SER B 148 -1.68 -13.42 18.81
C SER B 148 -2.21 -14.40 19.86
N GLY B 149 -3.29 -14.02 20.56
CA GLY B 149 -3.81 -14.88 21.61
C GLY B 149 -4.54 -16.09 21.09
N HIS B 150 -5.45 -15.86 20.16
CA HIS B 150 -6.21 -16.95 19.59
C HIS B 150 -5.33 -18.00 18.95
N THR B 151 -4.29 -17.54 18.25
CA THR B 151 -3.34 -18.46 17.60
C THR B 151 -2.69 -19.30 18.70
N SER B 152 -2.23 -18.65 19.77
CA SER B 152 -1.63 -19.40 20.88
C SER B 152 -2.62 -20.40 21.45
N ILE B 153 -3.87 -19.99 21.59
CA ILE B 153 -4.92 -20.85 22.11
C ILE B 153 -5.16 -21.98 21.14
N GLY B 154 -5.40 -21.60 19.88
CA GLY B 154 -5.68 -22.58 18.84
C GLY B 154 -4.60 -23.62 18.77
N TRP B 155 -3.34 -23.20 18.71
CA TRP B 155 -2.23 -24.14 18.62
C TRP B 155 -2.13 -25.05 19.87
N ALA B 156 -2.13 -24.45 21.07
CA ALA B 156 -2.05 -25.20 22.36
C ALA B 156 -3.23 -26.18 22.56
N THR B 157 -4.45 -25.73 22.28
CA THR B 157 -5.57 -26.63 22.41
C THR B 157 -5.28 -27.81 21.49
N ALA B 158 -5.22 -27.53 20.18
CA ALA B 158 -4.96 -28.56 19.18
C ALA B 158 -3.83 -29.46 19.59
N LEU B 159 -2.79 -28.89 20.20
CA LEU B 159 -1.66 -29.72 20.61
C LEU B 159 -2.10 -30.66 21.69
N VAL B 160 -2.90 -30.11 22.60
CA VAL B 160 -3.43 -30.86 23.73
C VAL B 160 -4.43 -31.89 23.19
N LEU B 161 -5.36 -31.47 22.34
CA LEU B 161 -6.32 -32.42 21.79
C LEU B 161 -5.66 -33.60 21.04
N ALA B 162 -4.52 -33.33 20.40
CA ALA B 162 -3.81 -34.37 19.65
C ALA B 162 -3.31 -35.50 20.53
N GLU B 163 -3.20 -35.22 21.83
CA GLU B 163 -2.71 -36.20 22.82
C GLU B 163 -3.84 -37.08 23.35
N ILE B 164 -5.06 -36.56 23.25
CA ILE B 164 -6.26 -37.24 23.70
C ILE B 164 -6.68 -38.20 22.60
N ASN B 165 -6.80 -37.67 21.38
CA ASN B 165 -7.20 -38.43 20.19
C ASN B 165 -6.03 -38.42 19.20
N PRO B 166 -4.93 -39.16 19.47
CA PRO B 166 -3.81 -39.12 18.52
C PRO B 166 -4.29 -39.54 17.15
N GLN B 167 -5.10 -40.59 17.12
CA GLN B 167 -5.60 -41.10 15.86
C GLN B 167 -6.29 -40.05 15.01
N ARG B 168 -6.38 -38.81 15.48
CA ARG B 168 -7.02 -37.77 14.66
C ARG B 168 -6.25 -36.47 14.75
N GLN B 169 -4.97 -36.58 15.05
CA GLN B 169 -4.11 -35.42 15.22
C GLN B 169 -3.91 -34.52 14.01
N ASN B 170 -3.86 -35.09 12.82
CA ASN B 170 -3.65 -34.31 11.61
C ASN B 170 -4.79 -33.37 11.34
N GLU B 171 -5.98 -33.87 11.60
CA GLU B 171 -7.19 -33.11 11.37
C GLU B 171 -7.31 -32.08 12.48
N ILE B 172 -6.97 -32.50 13.69
CA ILE B 172 -7.02 -31.63 14.86
C ILE B 172 -6.02 -30.52 14.67
N LEU B 173 -4.76 -30.90 14.60
CA LEU B 173 -3.63 -29.98 14.42
C LEU B 173 -3.89 -28.94 13.34
N LYS B 174 -4.56 -29.37 12.27
CA LYS B 174 -4.87 -28.50 11.14
C LYS B 174 -5.86 -27.41 11.53
N ARG B 175 -6.84 -27.79 12.34
CA ARG B 175 -7.84 -26.85 12.87
C ARG B 175 -7.05 -25.89 13.74
N GLY B 176 -6.22 -26.46 14.60
CA GLY B 176 -5.40 -25.64 15.46
C GLY B 176 -4.72 -24.60 14.62
N TYR B 177 -4.04 -25.04 13.57
CA TYR B 177 -3.32 -24.15 12.67
C TYR B 177 -4.29 -23.25 11.94
N GLU B 178 -5.30 -23.85 11.37
CA GLU B 178 -6.29 -23.06 10.63
C GLU B 178 -6.90 -21.96 11.49
N LEU B 179 -6.98 -22.23 12.80
CA LEU B 179 -7.53 -21.29 13.76
C LEU B 179 -6.69 -20.03 13.79
N GLY B 180 -5.38 -20.19 13.84
CA GLY B 180 -4.49 -19.04 13.86
C GLY B 180 -4.60 -18.22 12.57
N GLN B 181 -4.72 -18.93 11.45
CA GLN B 181 -4.80 -18.27 10.16
C GLN B 181 -6.04 -17.42 9.99
N SER B 182 -7.17 -17.90 10.51
CA SER B 182 -8.42 -17.16 10.43
C SER B 182 -8.24 -15.72 10.95
N ARG B 183 -7.31 -15.53 11.88
CA ARG B 183 -7.04 -14.22 12.44
C ARG B 183 -6.44 -13.26 11.40
N VAL B 184 -5.71 -13.84 10.44
CA VAL B 184 -5.07 -13.10 9.35
C VAL B 184 -6.14 -12.67 8.34
N ILE B 185 -6.99 -13.62 7.98
CA ILE B 185 -8.11 -13.33 7.11
C ILE B 185 -8.98 -12.24 7.72
N CYS B 186 -9.34 -12.40 8.99
CA CYS B 186 -10.20 -11.44 9.67
C CYS B 186 -9.72 -10.00 9.81
N GLY B 187 -8.44 -9.78 10.11
CA GLY B 187 -7.94 -8.40 10.20
C GLY B 187 -7.41 -7.98 11.55
N TYR B 188 -7.32 -8.93 12.47
CA TYR B 188 -6.88 -8.69 13.84
C TYR B 188 -5.40 -8.83 14.01
N HIS B 189 -4.79 -9.71 13.23
CA HIS B 189 -3.37 -9.93 13.35
C HIS B 189 -2.62 -9.96 11.98
N TRP B 190 -1.36 -9.56 12.03
CA TRP B 190 -0.51 -9.58 10.86
C TRP B 190 -0.04 -11.02 10.87
N GLN B 191 0.42 -11.53 9.73
CA GLN B 191 0.86 -12.91 9.66
C GLN B 191 1.98 -13.25 10.64
N SER B 192 2.86 -12.29 10.93
CA SER B 192 3.95 -12.54 11.87
C SER B 192 3.43 -12.80 13.30
N ASP B 193 2.32 -12.14 13.68
CA ASP B 193 1.69 -12.33 15.00
C ASP B 193 1.23 -13.76 15.07
N VAL B 194 0.50 -14.19 14.05
CA VAL B 194 0.05 -15.55 14.01
C VAL B 194 1.14 -16.57 14.04
N ASP B 195 2.29 -16.27 13.44
CA ASP B 195 3.38 -17.24 13.39
C ASP B 195 4.11 -17.38 14.68
N ALA B 196 4.47 -16.26 15.29
CA ALA B 196 5.16 -16.26 16.58
C ALA B 196 4.26 -16.91 17.67
N ALA B 197 2.96 -16.63 17.63
CA ALA B 197 2.02 -17.20 18.56
C ALA B 197 2.22 -18.69 18.75
N ARG B 198 2.50 -19.40 17.67
CA ARG B 198 2.66 -20.88 17.75
C ARG B 198 3.93 -21.34 18.48
N VAL B 199 4.93 -20.48 18.57
CA VAL B 199 6.13 -20.86 19.29
C VAL B 199 5.71 -20.88 20.75
N VAL B 200 5.14 -19.75 21.21
CA VAL B 200 4.69 -19.60 22.59
C VAL B 200 3.61 -20.61 22.95
N GLY B 201 2.58 -20.72 22.12
CA GLY B 201 1.52 -21.68 22.37
C GLY B 201 1.96 -23.13 22.56
N SER B 202 3.11 -23.50 22.01
CA SER B 202 3.58 -24.86 22.15
C SER B 202 4.40 -24.92 23.45
N ALA B 203 4.94 -23.77 23.82
CA ALA B 203 5.69 -23.66 25.06
C ALA B 203 4.80 -23.89 26.30
N VAL B 204 3.63 -23.22 26.41
CA VAL B 204 2.74 -23.38 27.58
C VAL B 204 2.25 -24.79 27.75
N VAL B 205 1.88 -25.44 26.66
CA VAL B 205 1.43 -26.82 26.73
C VAL B 205 2.49 -27.72 27.42
N ALA B 206 3.70 -27.18 27.52
CA ALA B 206 4.79 -27.89 28.16
C ALA B 206 4.73 -27.63 29.67
N THR B 207 4.54 -26.37 30.04
CA THR B 207 4.45 -25.99 31.45
C THR B 207 3.23 -26.72 32.01
N LEU B 208 2.17 -26.72 31.24
CA LEU B 208 0.92 -27.35 31.62
C LEU B 208 1.09 -28.83 31.91
N HIS B 209 2.07 -29.46 31.27
CA HIS B 209 2.30 -30.88 31.47
C HIS B 209 3.06 -31.08 32.77
N THR B 210 3.36 -30.01 33.48
CA THR B 210 4.09 -30.13 34.75
C THR B 210 3.20 -29.69 35.91
N ASN B 211 2.09 -29.07 35.57
CA ASN B 211 1.14 -28.57 36.51
C ASN B 211 0.17 -29.70 36.83
N PRO B 212 0.10 -30.11 38.12
CA PRO B 212 -0.72 -31.17 38.71
C PRO B 212 -2.19 -31.08 38.38
N ALA B 213 -2.73 -29.87 38.49
CA ALA B 213 -4.12 -29.61 38.18
C ALA B 213 -4.42 -29.98 36.74
N PHE B 214 -3.43 -29.78 35.87
CA PHE B 214 -3.59 -30.08 34.46
C PHE B 214 -3.38 -31.54 34.23
N GLN B 215 -2.35 -32.09 34.87
CA GLN B 215 -2.09 -33.50 34.67
C GLN B 215 -3.19 -34.42 35.21
N GLN B 216 -4.15 -33.85 35.93
CA GLN B 216 -5.26 -34.63 36.48
C GLN B 216 -6.49 -34.42 35.63
N GLN B 217 -6.67 -33.23 35.10
CA GLN B 217 -7.83 -32.98 34.26
C GLN B 217 -7.58 -33.66 32.91
N LEU B 218 -6.29 -33.79 32.57
CA LEU B 218 -5.89 -34.43 31.33
C LEU B 218 -6.22 -35.91 31.50
N GLN B 219 -5.88 -36.43 32.68
CA GLN B 219 -6.15 -37.84 33.00
C GLN B 219 -7.68 -38.09 32.93
N LYS B 220 -8.48 -37.19 33.49
CA LYS B 220 -9.95 -37.35 33.46
C LYS B 220 -10.52 -37.19 32.06
N ALA B 221 -9.89 -36.33 31.26
CA ALA B 221 -10.33 -36.11 29.88
C ALA B 221 -9.93 -37.29 29.02
N LYS B 222 -8.74 -37.81 29.28
CA LYS B 222 -8.30 -38.95 28.52
C LYS B 222 -9.30 -40.07 28.75
N ALA B 223 -9.33 -40.63 29.96
CA ALA B 223 -10.25 -41.73 30.25
C ALA B 223 -11.74 -41.46 29.92
N GLU B 224 -12.20 -40.24 30.09
CA GLU B 224 -13.61 -39.92 29.79
C GLU B 224 -13.92 -40.08 28.31
N PHE B 225 -12.89 -40.08 27.48
CA PHE B 225 -13.10 -40.16 26.05
C PHE B 225 -12.79 -41.57 25.69
N ALA B 226 -12.04 -42.21 26.57
CA ALA B 226 -11.67 -43.55 26.28
C ALA B 226 -12.77 -44.53 26.57
N GLN B 227 -14.00 -44.05 26.62
CA GLN B 227 -15.19 -44.90 26.86
C GLN B 227 -16.34 -44.15 26.24
N HIS B 228 -15.95 -43.25 25.35
CA HIS B 228 -16.87 -42.36 24.67
C HIS B 228 -16.26 -42.12 23.27
N GLY C 7 10.12 34.90 -9.99
CA GLY C 7 10.64 34.49 -8.65
C GLY C 7 10.75 35.64 -7.65
N ASN C 8 10.71 35.29 -6.36
CA ASN C 8 10.80 36.28 -5.29
C ASN C 8 12.19 36.24 -4.64
N ASP C 9 12.56 37.30 -3.95
CA ASP C 9 13.87 37.31 -3.34
C ASP C 9 14.03 38.59 -2.58
N THR C 10 15.28 38.93 -2.34
CA THR C 10 15.62 40.13 -1.61
C THR C 10 15.26 41.42 -2.36
N THR C 11 15.11 41.38 -3.68
CA THR C 11 14.75 42.61 -4.40
C THR C 11 13.25 42.86 -4.33
N THR C 12 12.53 41.88 -3.79
CA THR C 12 11.08 41.99 -3.63
C THR C 12 10.62 41.60 -2.23
N LYS C 13 11.50 41.05 -1.40
CA LYS C 13 11.13 40.65 -0.04
C LYS C 13 12.38 40.53 0.83
N PRO C 14 13.15 41.62 0.94
CA PRO C 14 14.40 41.78 1.69
C PRO C 14 14.50 41.41 3.16
N ASP C 15 13.36 41.02 3.75
CA ASP C 15 13.32 40.68 5.17
C ASP C 15 13.26 39.19 5.44
N LEU C 16 13.31 38.44 4.36
CA LEU C 16 13.26 36.98 4.41
C LEU C 16 14.30 36.47 3.43
N TYR C 17 14.85 37.39 2.65
CA TYR C 17 15.86 37.05 1.66
C TYR C 17 17.15 37.83 1.90
N TYR C 18 18.24 37.24 1.44
CA TYR C 18 19.57 37.83 1.55
C TYR C 18 20.15 37.75 0.13
N LEU C 19 19.96 36.61 -0.51
CA LEU C 19 20.47 36.41 -1.85
C LEU C 19 19.41 36.73 -2.86
N LYS C 20 19.82 37.15 -4.04
CA LYS C 20 18.90 37.46 -5.10
C LYS C 20 18.71 36.17 -5.86
N ASN C 21 17.85 36.19 -6.87
CA ASN C 21 17.58 35.00 -7.66
C ASN C 21 18.79 34.65 -8.51
N SER C 22 19.49 35.70 -8.93
CA SER C 22 20.68 35.55 -9.74
C SER C 22 21.70 34.70 -8.99
N GLU C 23 21.57 34.64 -7.66
CA GLU C 23 22.49 33.87 -6.83
C GLU C 23 21.86 32.64 -6.21
N ALA C 24 20.66 32.33 -6.66
CA ALA C 24 19.97 31.17 -6.15
C ALA C 24 20.84 29.99 -6.56
N ILE C 25 20.66 28.86 -5.90
CA ILE C 25 21.45 27.71 -6.23
C ILE C 25 20.58 26.81 -7.10
N ASN C 26 21.17 26.20 -8.13
CA ASN C 26 20.36 25.33 -8.96
C ASN C 26 20.24 23.94 -8.38
N SER C 27 19.11 23.74 -7.73
CA SER C 27 18.77 22.51 -7.08
C SER C 27 18.37 21.47 -8.11
N LEU C 28 17.69 21.91 -9.16
CA LEU C 28 17.23 21.03 -10.24
C LEU C 28 18.38 20.23 -10.77
N ALA C 29 19.47 20.98 -10.97
CA ALA C 29 20.73 20.48 -11.51
C ALA C 29 21.59 19.75 -10.52
N LEU C 30 21.85 20.35 -9.36
CA LEU C 30 22.70 19.70 -8.38
C LEU C 30 22.09 18.47 -7.74
N LEU C 31 20.80 18.26 -7.98
CA LEU C 31 20.06 17.16 -7.37
C LEU C 31 19.51 16.10 -8.31
N PRO C 32 19.53 14.86 -7.84
CA PRO C 32 19.03 13.70 -8.58
C PRO C 32 17.52 13.77 -8.62
N PRO C 33 16.88 13.09 -9.55
CA PRO C 33 15.43 13.21 -9.51
C PRO C 33 14.85 12.43 -8.32
N PRO C 34 13.62 12.77 -7.92
CA PRO C 34 12.99 12.11 -6.79
C PRO C 34 12.65 10.73 -7.20
N PRO C 35 12.61 9.79 -6.25
CA PRO C 35 12.25 8.43 -6.61
C PRO C 35 10.97 8.49 -7.44
N ALA C 36 10.62 7.38 -8.09
CA ALA C 36 9.43 7.36 -8.95
C ALA C 36 8.52 6.18 -8.64
N VAL C 37 7.21 6.36 -8.77
CA VAL C 37 6.33 5.25 -8.48
C VAL C 37 6.78 4.13 -9.38
N GLY C 38 7.35 3.11 -8.77
CA GLY C 38 7.85 1.98 -9.51
C GLY C 38 9.18 1.55 -8.94
N SER C 39 9.91 2.49 -8.37
CA SER C 39 11.19 2.20 -7.77
C SER C 39 11.06 1.58 -6.41
N ILE C 40 12.18 1.02 -5.94
CA ILE C 40 12.31 0.37 -4.65
C ILE C 40 12.47 1.42 -3.55
N ALA C 41 12.97 2.58 -3.92
CA ALA C 41 13.21 3.66 -3.01
C ALA C 41 11.97 4.48 -2.72
N PHE C 42 10.94 4.33 -3.55
CA PHE C 42 9.71 5.04 -3.35
C PHE C 42 8.86 4.11 -2.53
N LEU C 43 9.23 2.85 -2.54
CA LEU C 43 8.56 1.81 -1.77
C LEU C 43 8.96 2.02 -0.33
N ASN C 44 10.09 2.65 -0.13
CA ASN C 44 10.64 2.89 1.18
C ASN C 44 10.23 4.29 1.59
N ASP C 45 9.81 5.09 0.61
CA ASP C 45 9.40 6.45 0.87
C ASP C 45 8.04 6.28 1.55
N GLN C 46 7.33 5.26 1.07
CA GLN C 46 6.01 4.93 1.54
C GLN C 46 6.07 4.31 2.92
N ALA C 47 7.02 3.40 3.13
CA ALA C 47 7.15 2.76 4.42
C ALA C 47 7.48 3.77 5.49
N MET C 48 8.19 4.83 5.13
CA MET C 48 8.57 5.87 6.07
C MET C 48 7.42 6.83 6.25
N TYR C 49 6.47 6.77 5.34
CA TYR C 49 5.33 7.63 5.45
C TYR C 49 4.49 6.93 6.51
N GLU C 50 4.33 5.61 6.35
CA GLU C 50 3.56 4.80 7.30
C GLU C 50 4.13 4.87 8.73
N GLN C 51 5.44 4.74 8.88
CA GLN C 51 6.06 4.81 10.20
C GLN C 51 5.86 6.22 10.74
N GLY C 52 5.78 7.19 9.84
CA GLY C 52 5.59 8.55 10.27
C GLY C 52 4.23 8.72 10.91
N ARG C 53 3.22 8.19 10.22
CA ARG C 53 1.84 8.22 10.66
C ARG C 53 1.67 7.67 12.08
N LEU C 54 2.27 6.50 12.31
CA LEU C 54 2.17 5.84 13.57
C LEU C 54 2.68 6.68 14.74
N LEU C 55 3.50 7.67 14.46
CA LEU C 55 4.01 8.50 15.56
C LEU C 55 3.32 9.84 15.65
N ARG C 56 2.33 10.09 14.81
CA ARG C 56 1.75 11.40 14.83
C ARG C 56 1.15 11.78 16.19
N ASN C 57 0.67 10.79 16.91
CA ASN C 57 0.06 11.00 18.23
C ASN C 57 1.00 10.51 19.33
N THR C 58 2.15 11.14 19.42
CA THR C 58 3.11 10.77 20.44
C THR C 58 3.79 12.08 20.76
N GLU C 59 4.71 12.06 21.71
CA GLU C 59 5.40 13.28 22.03
C GLU C 59 5.95 13.82 20.71
N ARG C 60 6.62 12.96 19.92
CA ARG C 60 7.27 13.31 18.64
C ARG C 60 6.37 13.90 17.58
N GLY C 61 5.14 13.39 17.50
CA GLY C 61 4.17 13.90 16.55
C GLY C 61 3.70 15.31 16.87
N LYS C 62 3.67 15.63 18.17
CA LYS C 62 3.25 16.96 18.60
C LYS C 62 4.33 17.91 18.16
N LEU C 63 5.58 17.52 18.45
CA LEU C 63 6.75 18.31 18.05
C LEU C 63 6.72 18.49 16.53
N ALA C 64 6.50 17.39 15.81
CA ALA C 64 6.41 17.46 14.38
C ALA C 64 5.39 18.53 14.04
N ALA C 65 4.18 18.42 14.55
CA ALA C 65 3.11 19.39 14.30
C ALA C 65 3.54 20.82 14.54
N GLU C 66 4.29 21.05 15.61
CA GLU C 66 4.73 22.40 15.90
C GLU C 66 5.82 22.84 14.98
N ASP C 67 6.65 21.88 14.58
CA ASP C 67 7.77 22.13 13.66
C ASP C 67 7.23 22.65 12.33
N ALA C 68 5.97 22.34 12.03
CA ALA C 68 5.37 22.80 10.79
C ALA C 68 5.24 24.28 10.79
N ASN C 69 5.64 24.92 11.87
CA ASN C 69 5.52 26.36 11.96
C ASN C 69 6.87 27.04 12.19
N LEU C 70 7.45 27.53 11.10
CA LEU C 70 8.74 28.21 11.13
C LEU C 70 8.52 29.57 10.52
N SER C 71 7.65 29.53 9.52
CA SER C 71 7.25 30.67 8.73
C SER C 71 7.70 32.00 9.27
N SER C 72 7.31 32.31 10.50
CA SER C 72 7.70 33.59 11.03
C SER C 72 8.21 33.52 12.44
N GLY C 73 9.51 33.32 12.58
CA GLY C 73 10.09 33.23 13.91
C GLY C 73 9.86 31.86 14.48
N GLY C 74 9.04 31.07 13.79
CA GLY C 74 8.77 29.73 14.25
C GLY C 74 10.10 29.00 14.30
N VAL C 75 10.96 29.31 13.33
CA VAL C 75 12.26 28.67 13.22
C VAL C 75 13.15 29.01 14.39
N ALA C 76 13.16 30.29 14.76
CA ALA C 76 13.98 30.75 15.89
C ALA C 76 13.49 30.03 17.12
N ASN C 77 12.18 30.08 17.30
CA ASN C 77 11.54 29.45 18.43
C ASN C 77 11.57 27.94 18.39
N ALA C 78 12.08 27.38 17.30
CA ALA C 78 12.18 25.93 17.17
C ALA C 78 13.60 25.50 17.53
N PHE C 79 14.51 26.47 17.63
CA PHE C 79 15.91 26.20 17.95
C PHE C 79 16.35 26.58 19.33
N SER C 80 15.55 27.44 19.98
CA SER C 80 15.85 27.96 21.32
C SER C 80 16.22 26.91 22.35
N GLY C 81 15.51 25.80 22.34
CA GLY C 81 15.82 24.75 23.30
C GLY C 81 17.18 24.14 23.04
N ALA C 82 17.52 23.99 21.77
CA ALA C 82 18.79 23.42 21.37
C ALA C 82 19.94 24.44 21.41
N PHE C 83 19.67 25.68 21.02
CA PHE C 83 20.70 26.69 21.03
C PHE C 83 21.29 26.87 22.42
N GLY C 84 20.49 26.62 23.46
CA GLY C 84 20.97 26.77 24.83
C GLY C 84 20.36 27.95 25.57
N SER C 85 19.97 28.95 24.82
CA SER C 85 19.36 30.18 25.33
C SER C 85 18.14 30.44 24.46
N PRO C 86 17.41 31.54 24.72
CA PRO C 86 16.23 31.83 23.89
C PRO C 86 16.52 32.84 22.78
N ILE C 87 16.09 32.50 21.58
CA ILE C 87 16.26 33.36 20.42
C ILE C 87 14.96 34.15 20.24
N THR C 88 14.93 35.35 20.80
CA THR C 88 13.74 36.16 20.74
C THR C 88 14.08 37.55 20.27
N GLU C 89 13.15 38.19 19.59
CA GLU C 89 13.37 39.53 19.06
C GLU C 89 13.80 40.50 20.16
N LYS C 90 13.76 40.02 21.40
CA LYS C 90 14.13 40.84 22.54
C LYS C 90 14.91 40.03 23.57
N ASP C 91 15.95 39.36 23.12
CA ASP C 91 16.82 38.58 24.00
C ASP C 91 18.07 38.30 23.18
N ALA C 92 17.86 37.71 22.01
CA ALA C 92 18.91 37.38 21.07
C ALA C 92 18.41 38.05 19.80
N PRO C 93 18.27 39.38 19.83
CA PRO C 93 17.79 40.17 18.69
C PRO C 93 18.63 40.04 17.41
N ALA C 94 19.94 40.27 17.52
CA ALA C 94 20.85 40.17 16.37
C ALA C 94 20.62 38.80 15.73
N LEU C 95 20.68 37.78 16.58
CA LEU C 95 20.44 36.42 16.17
C LEU C 95 19.10 36.40 15.48
N HIS C 96 18.04 36.30 16.27
CA HIS C 96 16.68 36.30 15.74
C HIS C 96 16.53 37.00 14.39
N LYS C 97 17.20 38.13 14.23
CA LYS C 97 17.12 38.87 12.98
C LYS C 97 17.69 38.07 11.83
N LEU C 98 18.90 37.53 12.01
CA LEU C 98 19.57 36.71 10.99
C LEU C 98 18.69 35.57 10.52
N LEU C 99 18.35 34.70 11.47
CA LEU C 99 17.50 33.56 11.21
C LEU C 99 16.24 33.96 10.47
N THR C 100 15.73 35.13 10.79
CA THR C 100 14.50 35.62 10.20
C THR C 100 14.58 35.98 8.71
N ASN C 101 15.69 36.56 8.28
CA ASN C 101 15.77 36.95 6.88
C ASN C 101 16.47 35.99 5.95
N MET C 102 16.91 34.84 6.45
CA MET C 102 17.52 33.89 5.55
C MET C 102 16.50 32.82 5.21
N ILE C 103 15.54 32.60 6.09
CA ILE C 103 14.51 31.59 5.86
C ILE C 103 14.16 31.32 4.41
N GLU C 104 13.83 32.37 3.68
CA GLU C 104 13.42 32.20 2.29
C GLU C 104 14.54 31.79 1.33
N ASP C 105 15.76 32.15 1.70
CA ASP C 105 16.92 31.78 0.91
C ASP C 105 16.94 30.27 0.95
N ALA C 106 17.01 29.73 2.16
CA ALA C 106 17.04 28.29 2.39
C ALA C 106 15.76 27.58 1.98
N GLY C 107 14.62 28.24 2.12
CA GLY C 107 13.36 27.61 1.80
C GLY C 107 12.83 27.80 0.40
N ASP C 108 12.92 29.01 -0.14
CA ASP C 108 12.42 29.21 -1.50
C ASP C 108 13.50 29.06 -2.53
N LEU C 109 14.39 30.04 -2.55
CA LEU C 109 15.52 30.12 -3.49
C LEU C 109 16.26 28.78 -3.71
N ALA C 110 16.62 28.09 -2.63
CA ALA C 110 17.34 26.83 -2.70
C ALA C 110 16.48 25.59 -2.91
N THR C 111 15.34 25.72 -3.57
CA THR C 111 14.48 24.55 -3.83
C THR C 111 13.59 24.81 -5.03
N ARG C 112 13.50 26.06 -5.46
CA ARG C 112 12.59 26.39 -6.55
C ARG C 112 12.69 25.56 -7.82
N SER C 113 13.89 25.47 -8.41
CA SER C 113 14.08 24.70 -9.64
C SER C 113 13.64 23.26 -9.48
N ALA C 114 14.25 22.53 -8.56
CA ALA C 114 13.86 21.12 -8.39
C ALA C 114 12.34 21.07 -8.25
N LYS C 115 11.86 21.76 -7.21
CA LYS C 115 10.45 21.83 -6.90
C LYS C 115 9.53 22.02 -8.10
N ASP C 116 9.69 23.18 -8.72
CA ASP C 116 8.89 23.62 -9.86
C ASP C 116 8.93 22.69 -11.04
N HIS C 117 10.15 22.21 -11.32
CA HIS C 117 10.31 21.33 -12.44
C HIS C 117 9.63 20.03 -12.18
N TYR C 118 10.12 19.30 -11.18
CA TYR C 118 9.52 18.01 -10.87
C TYR C 118 8.06 18.04 -10.42
N MET C 119 7.70 19.02 -9.60
CA MET C 119 6.31 19.13 -9.13
C MET C 119 5.82 17.78 -8.59
N ARG C 120 6.53 17.26 -7.59
CA ARG C 120 6.20 15.97 -6.99
C ARG C 120 5.00 15.95 -6.02
N ILE C 121 4.20 14.89 -6.12
CA ILE C 121 3.04 14.73 -5.28
C ILE C 121 3.41 14.54 -3.81
N ARG C 122 2.77 15.33 -2.94
CA ARG C 122 3.03 15.23 -1.51
C ARG C 122 2.39 13.98 -0.99
N PRO C 123 2.93 13.46 0.09
CA PRO C 123 2.31 12.22 0.59
C PRO C 123 0.83 12.37 0.92
N PHE C 124 0.50 13.49 1.57
CA PHE C 124 -0.87 13.75 1.95
C PHE C 124 -1.81 13.75 0.77
N ALA C 125 -1.41 14.42 -0.29
CA ALA C 125 -2.25 14.43 -1.51
C ALA C 125 -2.23 13.04 -2.14
N PHE C 126 -1.11 12.37 -2.00
CA PHE C 126 -1.00 11.06 -2.57
C PHE C 126 -2.03 10.12 -1.94
N TYR C 127 -2.03 10.05 -0.62
CA TYR C 127 -2.94 9.17 0.10
C TYR C 127 -4.31 9.74 0.37
N GLY C 128 -4.47 11.04 0.19
CA GLY C 128 -5.74 11.68 0.47
C GLY C 128 -5.95 11.62 1.97
N VAL C 129 -4.98 12.12 2.73
CA VAL C 129 -5.07 12.08 4.17
C VAL C 129 -4.42 13.31 4.76
N SER C 130 -5.26 14.14 5.37
CA SER C 130 -4.84 15.38 6.01
C SER C 130 -3.49 15.22 6.68
N THR C 131 -2.73 16.30 6.66
CA THR C 131 -1.41 16.32 7.24
C THR C 131 -1.58 16.36 8.75
N CYS C 132 -0.52 16.60 9.52
CA CYS C 132 -0.63 16.64 10.99
C CYS C 132 -0.72 18.07 11.55
N ASN C 133 -0.72 19.06 10.66
CA ASN C 133 -0.83 20.45 11.05
C ASN C 133 -1.22 21.17 9.78
N THR C 134 -2.47 20.96 9.43
CA THR C 134 -3.14 21.48 8.27
C THR C 134 -3.03 22.96 8.01
N THR C 135 -2.37 23.71 8.87
CA THR C 135 -2.29 25.13 8.61
C THR C 135 -1.94 25.45 7.15
N GLU C 136 -0.77 24.95 6.72
CA GLU C 136 -0.23 25.17 5.37
C GLU C 136 -0.69 24.21 4.30
N GLN C 137 -1.16 23.05 4.70
CA GLN C 137 -1.58 22.05 3.75
C GLN C 137 -2.19 22.56 2.44
N ASP C 138 -3.10 23.50 2.50
CA ASP C 138 -3.68 23.97 1.25
C ASP C 138 -2.66 24.68 0.39
N LYS C 139 -2.08 25.74 0.92
CA LYS C 139 -1.06 26.50 0.24
C LYS C 139 -0.02 25.58 -0.40
N LEU C 140 0.43 24.57 0.34
CA LEU C 140 1.43 23.64 -0.14
C LEU C 140 0.89 22.47 -0.93
N SER C 141 -0.42 22.31 -0.97
CA SER C 141 -1.00 21.17 -1.67
C SER C 141 -0.70 21.17 -3.14
N LYS C 142 -0.22 22.31 -3.63
CA LYS C 142 0.12 22.45 -5.04
C LYS C 142 1.48 23.12 -5.19
N ASN C 143 2.39 22.75 -4.31
CA ASN C 143 3.76 23.24 -4.31
C ASN C 143 4.58 21.96 -4.38
N GLY C 144 5.40 21.82 -5.42
CA GLY C 144 6.21 20.62 -5.58
C GLY C 144 6.80 20.02 -4.31
N SER C 145 6.69 18.70 -4.18
CA SER C 145 7.21 18.03 -3.00
C SER C 145 8.71 17.88 -2.91
N TYR C 146 9.35 17.59 -4.05
CA TYR C 146 10.81 17.38 -4.10
C TYR C 146 11.60 18.63 -4.46
N PRO C 147 12.44 19.13 -3.55
CA PRO C 147 12.79 18.74 -2.18
C PRO C 147 12.03 19.58 -1.11
N SER C 148 12.22 19.21 0.16
CA SER C 148 11.55 19.90 1.27
C SER C 148 12.13 21.24 1.70
N GLY C 149 11.35 22.29 1.57
CA GLY C 149 11.80 23.63 1.96
C GLY C 149 11.92 23.87 3.46
N HIS C 150 11.14 23.12 4.24
CA HIS C 150 11.19 23.24 5.67
C HIS C 150 12.45 22.56 6.16
N THR C 151 12.82 21.44 5.52
CA THR C 151 14.03 20.70 5.89
C THR C 151 15.28 21.52 5.56
N SER C 152 15.21 22.25 4.45
CA SER C 152 16.29 23.11 4.04
C SER C 152 16.52 24.10 5.19
N ILE C 153 15.54 24.96 5.45
CA ILE C 153 15.62 25.93 6.56
C ILE C 153 16.15 25.25 7.81
N GLY C 154 15.52 24.15 8.17
CA GLY C 154 15.96 23.43 9.33
C GLY C 154 17.46 23.27 9.29
N TRP C 155 17.97 22.67 8.21
CA TRP C 155 19.41 22.43 8.06
C TRP C 155 20.24 23.68 7.89
N ALA C 156 19.83 24.50 6.94
CA ALA C 156 20.53 25.75 6.70
C ALA C 156 20.77 26.40 8.07
N THR C 157 19.70 26.91 8.67
CA THR C 157 19.79 27.57 9.98
C THR C 157 20.54 26.75 11.03
N ALA C 158 20.35 25.44 11.08
CA ALA C 158 21.10 24.66 12.08
C ALA C 158 22.61 24.78 11.88
N LEU C 159 23.05 24.92 10.63
CA LEU C 159 24.48 25.05 10.35
C LEU C 159 25.05 26.41 10.68
N VAL C 160 24.25 27.46 10.47
CA VAL C 160 24.69 28.82 10.80
C VAL C 160 24.81 29.02 12.32
N LEU C 161 23.88 28.39 13.06
CA LEU C 161 23.82 28.48 14.54
C LEU C 161 24.93 27.69 15.13
N ALA C 162 25.36 26.65 14.44
CA ALA C 162 26.45 25.80 14.92
C ALA C 162 27.75 26.60 14.82
N GLU C 163 27.80 27.51 13.83
CA GLU C 163 28.95 28.36 13.59
C GLU C 163 28.87 29.59 14.50
N ILE C 164 27.92 29.55 15.45
CA ILE C 164 27.71 30.62 16.43
C ILE C 164 27.89 30.03 17.83
N ASN C 165 27.13 29.00 18.17
CA ASN C 165 27.25 28.39 19.49
C ASN C 165 27.79 26.98 19.36
N PRO C 166 29.10 26.84 19.13
CA PRO C 166 29.82 25.57 18.96
C PRO C 166 29.98 24.72 20.20
N GLN C 167 29.47 25.20 21.33
CA GLN C 167 29.59 24.44 22.56
C GLN C 167 28.58 23.31 22.46
N ARG C 168 27.52 23.57 21.70
CA ARG C 168 26.45 22.60 21.53
C ARG C 168 26.00 22.46 20.09
N GLN C 169 26.93 22.06 19.22
CA GLN C 169 26.59 21.88 17.83
C GLN C 169 25.82 20.58 17.68
N ASN C 170 26.26 19.52 18.36
CA ASN C 170 25.56 18.24 18.26
C ASN C 170 24.08 18.45 18.44
N GLU C 171 23.78 19.31 19.41
CA GLU C 171 22.44 19.67 19.80
C GLU C 171 21.76 20.56 18.78
N ILE C 172 22.36 21.70 18.52
CA ILE C 172 21.80 22.61 17.55
C ILE C 172 21.61 21.91 16.22
N LEU C 173 22.47 20.92 15.97
CA LEU C 173 22.44 20.19 14.69
C LEU C 173 21.39 19.10 14.72
N LYS C 174 21.37 18.32 15.79
CA LYS C 174 20.39 17.25 15.92
C LYS C 174 18.96 17.78 15.76
N ARG C 175 18.74 19.00 16.22
CA ARG C 175 17.41 19.60 16.14
C ARG C 175 17.11 19.95 14.71
N GLY C 176 18.07 20.59 14.06
CA GLY C 176 17.89 20.97 12.67
C GLY C 176 17.54 19.72 11.87
N TYR C 177 18.25 18.64 12.13
CA TYR C 177 18.00 17.39 11.46
C TYR C 177 16.55 17.01 11.65
N GLU C 178 16.17 16.77 12.90
CA GLU C 178 14.81 16.38 13.24
C GLU C 178 13.79 17.34 12.67
N LEU C 179 14.16 18.60 12.65
CA LEU C 179 13.29 19.63 12.17
C LEU C 179 12.84 19.35 10.75
N GLY C 180 13.51 18.44 10.10
CA GLY C 180 13.18 18.13 8.72
C GLY C 180 12.45 16.83 8.71
N GLN C 181 12.81 15.95 9.63
CA GLN C 181 12.13 14.68 9.76
C GLN C 181 10.65 14.91 10.08
N SER C 182 10.37 15.94 10.87
CA SER C 182 9.00 16.27 11.22
C SER C 182 8.11 16.34 10.01
N ARG C 183 8.66 16.80 8.88
CA ARG C 183 7.82 16.91 7.70
C ARG C 183 7.46 15.55 7.21
N VAL C 184 8.23 14.54 7.58
CA VAL C 184 7.90 13.20 7.12
C VAL C 184 6.81 12.59 7.99
N ILE C 185 6.87 12.92 9.29
CA ILE C 185 5.88 12.43 10.27
C ILE C 185 4.59 13.19 10.06
N CYS C 186 4.71 14.47 9.77
CA CYS C 186 3.53 15.26 9.56
C CYS C 186 2.89 14.90 8.25
N GLY C 187 3.69 14.35 7.34
CA GLY C 187 3.12 13.96 6.07
C GLY C 187 3.12 15.00 4.96
N TYR C 188 3.99 16.00 5.03
CA TYR C 188 4.04 17.02 3.99
C TYR C 188 5.04 16.65 2.89
N HIS C 189 6.01 15.82 3.25
CA HIS C 189 7.09 15.43 2.38
C HIS C 189 7.36 13.93 2.47
N TRP C 190 8.16 13.38 1.54
CA TRP C 190 8.50 11.96 1.57
C TRP C 190 9.85 11.93 2.20
N GLN C 191 10.28 10.81 2.77
CA GLN C 191 11.61 10.84 3.36
C GLN C 191 12.65 11.38 2.33
N SER C 192 12.47 11.02 1.07
CA SER C 192 13.38 11.44 0.02
C SER C 192 13.45 12.94 -0.25
N ASP C 193 12.35 13.68 -0.07
CA ASP C 193 12.43 15.12 -0.29
C ASP C 193 13.18 15.77 0.86
N VAL C 194 13.20 15.05 1.98
CA VAL C 194 13.83 15.52 3.19
C VAL C 194 15.33 15.35 3.09
N ASP C 195 15.78 14.15 2.73
CA ASP C 195 17.21 13.88 2.54
C ASP C 195 17.76 14.81 1.45
N ALA C 196 17.07 14.93 0.32
CA ALA C 196 17.50 15.82 -0.74
C ALA C 196 17.60 17.24 -0.22
N ALA C 197 16.52 17.71 0.41
CA ALA C 197 16.47 19.08 0.90
C ALA C 197 17.69 19.52 1.72
N ARG C 198 18.32 18.59 2.42
CA ARG C 198 19.49 18.93 3.24
C ARG C 198 20.76 19.31 2.43
N VAL C 199 20.84 18.83 1.18
CA VAL C 199 21.98 19.10 0.32
C VAL C 199 21.90 20.56 -0.11
N VAL C 200 20.75 20.94 -0.65
CA VAL C 200 20.56 22.32 -1.06
C VAL C 200 20.53 23.17 0.21
N GLY C 201 20.17 22.54 1.33
CA GLY C 201 20.09 23.26 2.58
C GLY C 201 21.44 23.71 3.06
N SER C 202 22.45 22.84 2.90
CA SER C 202 23.84 23.12 3.30
C SER C 202 24.55 23.97 2.25
N ALA C 203 24.15 23.78 1.01
CA ALA C 203 24.73 24.53 -0.09
C ALA C 203 24.51 26.03 0.07
N VAL C 204 23.28 26.44 0.35
CA VAL C 204 22.96 27.86 0.48
C VAL C 204 23.73 28.57 1.60
N VAL C 205 24.03 27.84 2.65
CA VAL C 205 24.79 28.42 3.74
C VAL C 205 26.17 28.84 3.21
N ALA C 206 26.57 28.32 2.04
CA ALA C 206 27.87 28.65 1.41
C ALA C 206 27.67 29.96 0.69
N THR C 207 26.65 30.03 -0.15
CA THR C 207 26.35 31.25 -0.89
C THR C 207 26.03 32.37 0.08
N LEU C 208 25.63 32.03 1.30
CA LEU C 208 25.27 33.02 2.32
C LEU C 208 26.47 33.64 2.97
N HIS C 209 27.54 32.86 3.07
CA HIS C 209 28.79 33.31 3.67
C HIS C 209 29.47 34.19 2.67
N THR C 210 28.86 34.26 1.49
CA THR C 210 29.36 35.03 0.38
C THR C 210 28.69 36.40 0.37
N ASN C 211 27.55 36.53 1.03
CA ASN C 211 26.85 37.81 1.10
C ASN C 211 27.34 38.67 2.26
N PRO C 212 27.71 39.93 1.96
CA PRO C 212 28.21 40.89 2.96
C PRO C 212 27.21 41.11 4.09
N ALA C 213 25.93 41.21 3.73
CA ALA C 213 24.85 41.42 4.70
C ALA C 213 24.83 40.26 5.68
N PHE C 214 24.73 39.05 5.13
CA PHE C 214 24.72 37.89 5.99
C PHE C 214 25.98 38.01 6.85
N GLN C 215 27.08 38.37 6.20
CA GLN C 215 28.36 38.56 6.88
C GLN C 215 28.18 39.47 8.08
N GLN C 216 27.66 40.67 7.80
CA GLN C 216 27.43 41.67 8.82
C GLN C 216 26.61 41.09 9.97
N GLN C 217 25.36 40.76 9.66
CA GLN C 217 24.45 40.19 10.64
C GLN C 217 25.11 39.11 11.50
N LEU C 218 25.43 37.98 10.87
CA LEU C 218 26.05 36.86 11.58
C LEU C 218 27.11 37.29 12.58
N GLN C 219 27.97 38.23 12.19
CA GLN C 219 29.00 38.67 13.12
C GLN C 219 28.21 39.18 14.31
N LYS C 220 27.44 40.23 14.06
CA LYS C 220 26.62 40.84 15.07
C LYS C 220 26.03 39.78 15.99
N ALA C 221 25.38 38.79 15.38
CA ALA C 221 24.76 37.74 16.16
C ALA C 221 25.80 37.01 17.00
N LYS C 222 26.93 36.70 16.41
CA LYS C 222 27.98 35.99 17.12
C LYS C 222 28.42 36.82 18.32
N ALA C 223 28.56 38.12 18.07
CA ALA C 223 28.98 39.10 19.09
C ALA C 223 28.03 39.03 20.26
N GLU C 224 26.77 39.39 19.99
CA GLU C 224 25.74 39.38 21.00
C GLU C 224 25.73 38.09 21.82
N PHE C 225 26.16 36.97 21.21
CA PHE C 225 26.17 35.72 21.95
C PHE C 225 27.20 35.76 23.06
N ALA C 226 28.10 36.74 22.99
CA ALA C 226 29.13 36.92 24.01
C ALA C 226 28.48 37.18 25.38
N GLN C 227 27.79 38.30 25.47
CA GLN C 227 27.10 38.68 26.68
C GLN C 227 25.63 38.45 26.38
N HIS C 228 25.21 37.22 26.69
CA HIS C 228 23.86 36.74 26.47
C HIS C 228 23.95 35.24 26.84
#